data_8EH1
#
_entry.id   8EH1
#
_cell.length_a   164.862
_cell.length_b   164.862
_cell.length_c   84.057
_cell.angle_alpha   90.000
_cell.angle_beta   90.000
_cell.angle_gamma   90.000
#
_symmetry.space_group_name_H-M   'I 4'
#
loop_
_entity.id
_entity.type
_entity.pdbx_description
1 polymer 'Engineered tyrosine synthase (TmTyrS1)'
2 non-polymer '2-{[(E)-{3-hydroxy-2-methyl-5-[(phosphonooxy)methyl]pyridin-4-yl}methylidene]amino}prop-2-enoic acid'
3 non-polymer quinolin-4-ol
4 non-polymer 'POTASSIUM ION'
5 water water
#
_entity_poly.entity_id   1
_entity_poly.type   'polypeptide(L)'
_entity_poly.pdbx_seq_one_letter_code
;MKGNFGPYGGQNVPEILMGALEELEAAYEGIMKDESFWKEYNDLLRDYAGRPTPLYFARRLSEKYGARVYLKREDLLHTG
AHKINNAIGQVLLAKLMGKTRITAGTGAGQHGVATATAAALFGMECVIYMGEEDTIRQKLNVERMKLLGAKVVPVKSGSR
TLKDAIDEALRDWITNLQTTYYVPGSVVGPHPYPIIVRNFQKVIGEETKKQIPEKEGRLPDYIVACVSGGSNAAGIFYPF
IDSGVKLIGVEAGGEGLETGKHAASLLKGKIGYLHGSKTFVLQDDWGQVQASHSVSAGLDYPGVGPEHAYWRETGKVLYD
AVTDEEALDAFIELSRLEGIIPALESSHALAYLKKINIKGKVVVVNLSGRGDKDLESVLNHPYVRERIHLEHHHHHH
;
_entity_poly.pdbx_strand_id   A,B
#
# COMPACT_ATOMS: atom_id res chain seq x y z
N GLY A 3 10.26 -19.13 28.87
CA GLY A 3 9.95 -19.09 27.45
C GLY A 3 9.78 -20.45 26.79
N ASN A 4 9.10 -21.35 27.49
CA ASN A 4 8.85 -22.70 27.01
C ASN A 4 7.38 -22.85 26.67
N PHE A 5 7.09 -23.40 25.50
CA PHE A 5 5.74 -23.75 25.06
C PHE A 5 5.69 -25.27 25.06
N GLY A 6 5.24 -25.84 26.17
CA GLY A 6 5.42 -27.26 26.37
C GLY A 6 6.91 -27.58 26.34
N PRO A 7 7.30 -28.56 25.52
CA PRO A 7 8.72 -28.90 25.39
C PRO A 7 9.50 -28.00 24.44
N TYR A 8 8.83 -27.09 23.73
CA TYR A 8 9.45 -26.30 22.67
C TYR A 8 9.83 -24.92 23.17
N GLY A 9 10.74 -24.28 22.43
CA GLY A 9 11.17 -22.93 22.73
C GLY A 9 12.56 -22.89 23.36
N GLY A 10 12.66 -22.25 24.51
CA GLY A 10 13.93 -22.16 25.22
C GLY A 10 14.85 -21.10 24.66
N GLN A 11 16.11 -21.18 25.09
CA GLN A 11 17.18 -20.28 24.66
C GLN A 11 18.38 -21.15 24.30
N ASN A 12 18.46 -21.59 23.04
CA ASN A 12 19.49 -22.52 22.60
C ASN A 12 20.49 -21.76 21.74
N VAL A 13 21.41 -21.08 22.42
CA VAL A 13 22.27 -20.08 21.80
C VAL A 13 23.68 -20.26 22.32
N PRO A 14 24.69 -19.73 21.61
CA PRO A 14 26.01 -19.63 22.20
C PRO A 14 25.97 -18.79 23.47
N GLU A 15 26.83 -19.15 24.43
CA GLU A 15 26.72 -18.60 25.77
C GLU A 15 26.84 -17.09 25.81
N ILE A 16 27.60 -16.50 24.88
CA ILE A 16 27.80 -15.05 24.89
C ILE A 16 26.48 -14.31 24.73
N LEU A 17 25.47 -14.95 24.12
CA LEU A 17 24.20 -14.28 23.90
C LEU A 17 23.31 -14.25 25.13
N MET A 18 23.63 -15.02 26.18
CA MET A 18 22.72 -15.06 27.33
C MET A 18 22.65 -13.73 28.05
N GLY A 19 23.78 -13.00 28.13
CA GLY A 19 23.73 -11.67 28.69
C GLY A 19 22.84 -10.73 27.89
N ALA A 20 22.92 -10.82 26.56
CA ALA A 20 22.08 -9.98 25.71
C ALA A 20 20.60 -10.34 25.88
N LEU A 21 20.29 -11.63 25.97
CA LEU A 21 18.90 -12.06 26.09
C LEU A 21 18.33 -11.70 27.45
N GLU A 22 19.14 -11.79 28.51
CA GLU A 22 18.69 -11.38 29.82
C GLU A 22 18.45 -9.87 29.87
N GLU A 23 19.31 -9.09 29.21
CA GLU A 23 19.09 -7.65 29.14
C GLU A 23 17.82 -7.32 28.36
N LEU A 24 17.59 -8.02 27.25
CA LEU A 24 16.38 -7.77 26.48
C LEU A 24 15.13 -8.16 27.26
N GLU A 25 15.20 -9.26 28.00
CA GLU A 25 14.05 -9.69 28.79
C GLU A 25 13.71 -8.69 29.88
N ALA A 26 14.73 -8.15 30.55
CA ALA A 26 14.48 -7.15 31.58
C ALA A 26 13.90 -5.87 30.99
N ALA A 27 14.45 -5.41 29.86
CA ALA A 27 13.93 -4.20 29.23
C ALA A 27 12.48 -4.40 28.79
N TYR A 28 12.19 -5.55 28.16
CA TYR A 28 10.84 -5.81 27.68
C TYR A 28 9.84 -5.84 28.83
N GLU A 29 10.19 -6.52 29.92
CA GLU A 29 9.30 -6.54 31.09
C GLU A 29 9.11 -5.14 31.65
N GLY A 30 10.11 -4.26 31.47
CA GLY A 30 9.96 -2.88 31.92
C GLY A 30 8.93 -2.11 31.12
N ILE A 31 8.96 -2.24 29.79
CA ILE A 31 8.02 -1.48 28.95
C ILE A 31 6.62 -2.07 28.95
N MET A 32 6.45 -3.33 29.34
CA MET A 32 5.13 -3.92 29.37
C MET A 32 4.23 -3.25 30.40
N LYS A 33 4.80 -2.56 31.38
CA LYS A 33 4.04 -1.78 32.35
C LYS A 33 4.19 -0.29 32.15
N ASP A 34 4.74 0.14 31.01
CA ASP A 34 5.07 1.54 30.75
C ASP A 34 3.99 2.16 29.86
N GLU A 35 3.20 3.06 30.43
CA GLU A 35 2.14 3.70 29.66
C GLU A 35 2.70 4.57 28.54
N SER A 36 3.90 5.12 28.73
CA SER A 36 4.49 6.00 27.72
C SER A 36 4.92 5.21 26.49
N PHE A 37 5.45 3.99 26.67
CA PHE A 37 5.79 3.17 25.51
C PHE A 37 4.55 2.87 24.69
N TRP A 38 3.48 2.40 25.34
CA TRP A 38 2.30 1.99 24.60
C TRP A 38 1.55 3.17 24.02
N LYS A 39 1.69 4.36 24.60
CA LYS A 39 1.11 5.55 23.98
C LYS A 39 1.81 5.86 22.66
N GLU A 40 3.14 5.96 22.69
CA GLU A 40 3.88 6.27 21.46
C GLU A 40 3.73 5.15 20.44
N TYR A 41 3.73 3.90 20.90
CA TYR A 41 3.63 2.77 19.97
C TYR A 41 2.26 2.73 19.31
N ASN A 42 1.19 2.87 20.11
CA ASN A 42 -0.16 2.82 19.55
C ASN A 42 -0.47 4.04 18.69
N ASP A 43 0.11 5.20 19.02
CA ASP A 43 -0.04 6.36 18.15
C ASP A 43 0.59 6.10 16.78
N LEU A 44 1.76 5.47 16.76
CA LEU A 44 2.43 5.19 15.50
C LEU A 44 1.70 4.11 14.71
N LEU A 45 1.17 3.09 15.40
CA LEU A 45 0.38 2.08 14.70
C LEU A 45 -0.83 2.72 14.01
N ARG A 46 -1.47 3.69 14.67
CA ARG A 46 -2.65 4.33 14.09
C ARG A 46 -2.29 5.26 12.94
N ASP A 47 -1.39 6.22 13.17
CA ASP A 47 -1.16 7.29 12.20
C ASP A 47 -0.06 6.99 11.21
N TYR A 48 0.94 6.19 11.60
CA TYR A 48 2.06 5.87 10.72
C TYR A 48 1.83 4.58 9.96
N ALA A 49 1.33 3.53 10.63
CA ALA A 49 1.11 2.25 9.96
C ALA A 49 -0.27 2.14 9.33
N GLY A 50 -1.28 2.79 9.92
CA GLY A 50 -2.62 2.75 9.40
C GLY A 50 -3.58 1.81 10.11
N ARG A 51 -3.34 1.51 11.39
CA ARG A 51 -4.23 0.64 12.15
C ARG A 51 -5.41 1.45 12.69
N PRO A 52 -6.57 0.81 12.90
CA PRO A 52 -6.89 -0.61 12.67
C PRO A 52 -7.09 -0.91 11.19
N THR A 53 -6.76 -2.14 10.77
CA THR A 53 -7.05 -2.55 9.40
C THR A 53 -8.49 -3.04 9.30
N PRO A 54 -9.13 -2.84 8.15
CA PRO A 54 -10.52 -3.27 8.00
C PRO A 54 -10.64 -4.78 7.87
N LEU A 55 -11.83 -5.27 8.18
CA LEU A 55 -12.23 -6.65 7.92
C LEU A 55 -13.22 -6.60 6.76
N TYR A 56 -12.79 -7.06 5.60
CA TYR A 56 -13.49 -6.81 4.35
C TYR A 56 -14.32 -8.03 3.95
N PHE A 57 -15.62 -7.82 3.75
CA PHE A 57 -16.46 -8.87 3.18
C PHE A 57 -16.18 -9.00 1.70
N ALA A 58 -15.60 -10.13 1.29
CA ALA A 58 -15.26 -10.38 -0.12
C ALA A 58 -16.49 -10.99 -0.78
N ARG A 59 -17.30 -10.14 -1.41
CA ARG A 59 -18.61 -10.58 -1.90
C ARG A 59 -18.48 -11.60 -3.03
N ARG A 60 -17.62 -11.32 -4.02
CA ARG A 60 -17.50 -12.23 -5.15
C ARG A 60 -16.83 -13.53 -4.75
N LEU A 61 -15.81 -13.45 -3.90
CA LEU A 61 -15.21 -14.67 -3.34
C LEU A 61 -16.24 -15.47 -2.56
N SER A 62 -17.03 -14.78 -1.73
CA SER A 62 -18.07 -15.45 -0.96
C SER A 62 -19.08 -16.15 -1.87
N GLU A 63 -19.48 -15.47 -2.95
CA GLU A 63 -20.45 -16.07 -3.87
C GLU A 63 -19.88 -17.32 -4.54
N LYS A 64 -18.58 -17.30 -4.88
CA LYS A 64 -17.99 -18.46 -5.57
C LYS A 64 -17.99 -19.69 -4.69
N TYR A 65 -17.74 -19.54 -3.40
CA TYR A 65 -17.63 -20.69 -2.50
C TYR A 65 -18.89 -20.94 -1.69
N GLY A 66 -19.93 -20.12 -1.85
CA GLY A 66 -21.14 -20.30 -1.07
C GLY A 66 -20.93 -20.06 0.41
N ALA A 67 -20.02 -19.17 0.77
CA ALA A 67 -19.65 -18.95 2.16
C ALA A 67 -19.68 -17.45 2.46
N ARG A 68 -19.31 -17.09 3.67
CA ARG A 68 -19.16 -15.69 4.07
C ARG A 68 -17.68 -15.48 4.38
N VAL A 69 -16.95 -14.97 3.40
CA VAL A 69 -15.49 -14.89 3.49
C VAL A 69 -15.09 -13.45 3.77
N TYR A 70 -14.42 -13.24 4.89
CA TYR A 70 -13.91 -11.95 5.29
C TYR A 70 -12.39 -11.97 5.22
N LEU A 71 -11.80 -10.88 4.76
CA LEU A 71 -10.35 -10.74 4.63
C LEU A 71 -9.88 -9.69 5.63
N LYS A 72 -8.99 -10.10 6.55
CA LYS A 72 -8.35 -9.15 7.44
C LYS A 72 -7.24 -8.46 6.66
N ARG A 73 -7.36 -7.15 6.46
CA ARG A 73 -6.61 -6.43 5.43
C ARG A 73 -5.27 -5.88 5.96
N GLU A 74 -4.38 -6.80 6.34
CA GLU A 74 -3.05 -6.36 6.72
C GLU A 74 -2.24 -5.87 5.52
N ASP A 75 -2.71 -6.15 4.30
CA ASP A 75 -2.07 -5.62 3.10
C ASP A 75 -2.19 -4.10 2.99
N LEU A 76 -3.07 -3.47 3.77
CA LEU A 76 -3.26 -2.03 3.69
C LEU A 76 -2.32 -1.25 4.62
N LEU A 77 -1.50 -1.94 5.40
CA LEU A 77 -0.56 -1.26 6.28
C LEU A 77 0.56 -0.61 5.47
N HIS A 78 1.15 0.43 6.07
CA HIS A 78 2.38 1.00 5.54
C HIS A 78 3.42 -0.10 5.35
N THR A 79 4.07 -0.08 4.18
CA THR A 79 5.05 -1.04 3.65
C THR A 79 4.35 -2.28 3.08
N GLY A 80 3.08 -2.48 3.41
CA GLY A 80 2.27 -3.48 2.74
C GLY A 80 2.25 -4.85 3.35
N ALA A 81 2.61 -5.00 4.62
CA ALA A 81 2.58 -6.31 5.24
C ALA A 81 2.51 -6.15 6.75
N HIS A 82 2.07 -7.22 7.42
CA HIS A 82 1.97 -7.24 8.87
C HIS A 82 3.32 -7.02 9.55
N LYS A 83 4.44 -7.19 8.83
CA LYS A 83 5.76 -7.08 9.42
C LYS A 83 5.97 -5.74 10.12
N ILE A 84 5.25 -4.70 9.71
CA ILE A 84 5.48 -3.37 10.26
C ILE A 84 5.04 -3.30 11.72
N ASN A 85 4.05 -4.10 12.13
CA ASN A 85 3.63 -4.08 13.52
C ASN A 85 4.78 -4.47 14.44
N ASN A 86 5.54 -5.49 14.04
CA ASN A 86 6.65 -5.99 14.86
C ASN A 86 7.88 -5.10 14.72
N ALA A 87 8.19 -4.65 13.50
CA ALA A 87 9.39 -3.85 13.31
C ALA A 87 9.32 -2.52 14.07
N ILE A 88 8.16 -1.87 14.07
CA ILE A 88 8.03 -0.61 14.79
C ILE A 88 8.24 -0.83 16.29
N GLY A 89 7.58 -1.86 16.84
CA GLY A 89 7.68 -2.09 18.27
C GLY A 89 9.08 -2.43 18.73
N GLN A 90 9.79 -3.26 17.96
CA GLN A 90 11.11 -3.70 18.37
C GLN A 90 12.17 -2.63 18.17
N VAL A 91 12.10 -1.88 17.06
CA VAL A 91 13.06 -0.80 16.88
C VAL A 91 12.83 0.30 17.91
N LEU A 92 11.57 0.56 18.29
CA LEU A 92 11.29 1.47 19.39
C LEU A 92 11.90 0.95 20.69
N LEU A 93 11.70 -0.33 20.99
CA LEU A 93 12.34 -0.93 22.15
C LEU A 93 13.85 -0.78 22.08
N ALA A 94 14.43 -1.03 20.90
CA ALA A 94 15.88 -0.90 20.74
C ALA A 94 16.34 0.52 21.03
N LYS A 95 15.61 1.53 20.53
CA LYS A 95 15.99 2.91 20.78
C LYS A 95 15.92 3.23 22.26
N LEU A 96 14.90 2.73 22.95
CA LEU A 96 14.74 2.99 24.38
C LEU A 96 15.83 2.29 25.20
N MET A 97 16.39 1.20 24.69
CA MET A 97 17.47 0.51 25.37
C MET A 97 18.83 1.17 25.16
N GLY A 98 18.91 2.20 24.32
CA GLY A 98 20.17 2.85 24.04
C GLY A 98 20.95 2.28 22.88
N LYS A 99 20.41 1.29 22.17
CA LYS A 99 21.10 0.76 21.00
C LYS A 99 21.10 1.80 19.88
N THR A 100 22.10 1.70 19.01
CA THR A 100 22.28 2.66 17.93
C THR A 100 22.26 2.01 16.54
N ARG A 101 22.17 0.68 16.48
CA ARG A 101 22.30 -0.04 15.23
C ARG A 101 21.31 -1.20 15.23
N ILE A 102 20.75 -1.50 14.05
CA ILE A 102 19.76 -2.54 13.89
C ILE A 102 20.27 -3.52 12.84
N THR A 103 20.08 -4.82 13.08
CA THR A 103 20.38 -5.83 12.08
C THR A 103 19.25 -6.85 12.03
N ALA A 104 19.08 -7.46 10.86
CA ALA A 104 18.00 -8.41 10.62
C ALA A 104 18.26 -9.15 9.32
N GLY A 105 17.60 -10.29 9.16
CA GLY A 105 17.60 -11.00 7.90
C GLY A 105 16.24 -10.95 7.26
N THR A 106 16.16 -11.15 5.95
CA THR A 106 14.86 -11.07 5.29
C THR A 106 14.85 -11.99 4.08
N GLY A 107 13.66 -12.52 3.79
CA GLY A 107 13.49 -13.41 2.65
C GLY A 107 12.72 -12.75 1.54
N ALA A 108 11.44 -12.46 1.80
CA ALA A 108 10.63 -11.74 0.84
C ALA A 108 11.00 -10.27 0.75
N GLY A 109 11.86 -9.77 1.63
CA GLY A 109 12.16 -8.36 1.70
C GLY A 109 11.16 -7.55 2.47
N GLN A 110 10.01 -8.12 2.86
CA GLN A 110 9.02 -7.35 3.61
C GLN A 110 9.51 -7.02 5.01
N HIS A 111 10.17 -7.96 5.67
CA HIS A 111 10.72 -7.65 6.98
C HIS A 111 11.88 -6.66 6.86
N GLY A 112 12.72 -6.83 5.85
CA GLY A 112 13.82 -5.89 5.64
C GLY A 112 13.32 -4.47 5.40
N VAL A 113 12.29 -4.32 4.56
CA VAL A 113 11.73 -3.00 4.30
C VAL A 113 11.09 -2.43 5.55
N ALA A 114 10.32 -3.25 6.26
CA ALA A 114 9.67 -2.77 7.48
C ALA A 114 10.70 -2.36 8.53
N THR A 115 11.80 -3.10 8.60
CA THR A 115 12.85 -2.81 9.59
C THR A 115 13.61 -1.55 9.20
N ALA A 116 14.00 -1.44 7.92
CA ALA A 116 14.64 -0.23 7.43
C ALA A 116 13.73 0.99 7.58
N THR A 117 12.43 0.79 7.40
CA THR A 117 11.46 1.87 7.57
C THR A 117 11.44 2.36 9.02
N ALA A 118 11.35 1.42 9.96
CA ALA A 118 11.36 1.78 11.37
C ALA A 118 12.69 2.39 11.77
N ALA A 119 13.79 1.91 11.19
CA ALA A 119 15.10 2.46 11.51
C ALA A 119 15.23 3.90 11.02
N ALA A 120 14.70 4.20 9.84
CA ALA A 120 14.70 5.57 9.36
C ALA A 120 13.81 6.44 10.25
N LEU A 121 12.65 5.94 10.64
CA LEU A 121 11.74 6.70 11.48
C LEU A 121 12.39 7.05 12.82
N PHE A 122 13.13 6.11 13.41
CA PHE A 122 13.76 6.32 14.71
C PHE A 122 15.22 6.74 14.59
N GLY A 123 15.72 6.98 13.38
CA GLY A 123 17.05 7.49 13.20
C GLY A 123 18.13 6.54 13.68
N MET A 124 18.07 5.29 13.25
CA MET A 124 19.03 4.29 13.67
C MET A 124 19.72 3.70 12.44
N GLU A 125 20.99 3.34 12.61
CA GLU A 125 21.71 2.65 11.54
C GLU A 125 21.10 1.26 11.35
N CYS A 126 21.09 0.79 10.10
CA CYS A 126 20.37 -0.43 9.77
C CYS A 126 21.15 -1.22 8.72
N VAL A 127 21.38 -2.50 9.01
CA VAL A 127 22.09 -3.40 8.10
C VAL A 127 21.21 -4.64 7.91
N ILE A 128 20.78 -4.88 6.68
CA ILE A 128 19.84 -5.95 6.37
C ILE A 128 20.57 -7.02 5.57
N TYR A 129 20.44 -8.27 6.01
CA TYR A 129 21.01 -9.41 5.31
C TYR A 129 19.92 -10.13 4.52
N MET A 130 20.24 -10.53 3.29
CA MET A 130 19.24 -11.12 2.41
C MET A 130 19.93 -12.08 1.45
N GLY A 131 19.36 -13.27 1.31
CA GLY A 131 19.95 -14.26 0.42
C GLY A 131 20.01 -13.75 -1.01
N GLU A 132 21.09 -14.10 -1.70
CA GLU A 132 21.33 -13.60 -3.05
C GLU A 132 20.20 -14.00 -4.00
N GLU A 133 19.64 -15.20 -3.83
CA GLU A 133 18.51 -15.62 -4.67
C GLU A 133 17.31 -14.71 -4.44
N ASP A 134 17.09 -14.29 -3.20
CA ASP A 134 15.96 -13.44 -2.87
C ASP A 134 16.17 -11.99 -3.30
N THR A 135 17.42 -11.55 -3.45
CA THR A 135 17.68 -10.21 -3.96
C THR A 135 17.25 -10.02 -5.41
N ILE A 136 16.85 -11.10 -6.09
CA ILE A 136 16.37 -11.03 -7.47
C ILE A 136 14.86 -11.23 -7.55
N ARG A 137 14.35 -12.31 -6.96
CA ARG A 137 12.91 -12.57 -6.97
C ARG A 137 12.12 -11.48 -6.25
N GLN A 138 12.75 -10.72 -5.36
CA GLN A 138 12.10 -9.63 -4.64
C GLN A 138 13.01 -8.39 -4.67
N LYS A 139 13.41 -8.00 -5.89
CA LYS A 139 14.31 -6.86 -6.03
C LYS A 139 13.62 -5.54 -5.72
N LEU A 140 12.32 -5.44 -5.97
CA LEU A 140 11.59 -4.20 -5.67
C LEU A 140 11.78 -3.80 -4.21
N ASN A 141 11.82 -4.80 -3.32
CA ASN A 141 12.05 -4.50 -1.90
C ASN A 141 13.51 -4.12 -1.65
N VAL A 142 14.44 -4.60 -2.47
CA VAL A 142 15.83 -4.20 -2.29
C VAL A 142 15.99 -2.71 -2.61
N GLU A 143 15.27 -2.22 -3.62
CA GLU A 143 15.32 -0.80 -3.94
C GLU A 143 14.78 0.04 -2.80
N ARG A 144 13.63 -0.33 -2.25
CA ARG A 144 13.05 0.42 -1.14
C ARG A 144 14.01 0.51 0.03
N MET A 145 14.67 -0.61 0.39
CA MET A 145 15.55 -0.61 1.54
C MET A 145 16.71 0.37 1.36
N LYS A 146 17.30 0.40 0.18
CA LYS A 146 18.43 1.30 -0.07
C LYS A 146 18.02 2.76 0.04
N LEU A 147 16.83 3.09 -0.49
CA LEU A 147 16.35 4.47 -0.41
C LEU A 147 16.09 4.89 1.03
N LEU A 148 15.56 3.98 1.84
CA LEU A 148 15.30 4.25 3.25
C LEU A 148 16.57 4.38 4.09
N GLY A 149 17.75 4.18 3.50
CA GLY A 149 19.01 4.38 4.19
C GLY A 149 19.66 3.15 4.78
N ALA A 150 19.13 1.96 4.52
CA ALA A 150 19.70 0.74 5.07
C ALA A 150 20.77 0.17 4.14
N LYS A 151 21.76 -0.50 4.74
CA LYS A 151 22.73 -1.27 3.98
C LYS A 151 22.17 -2.67 3.76
N VAL A 152 22.16 -3.12 2.51
CA VAL A 152 21.67 -4.45 2.14
C VAL A 152 22.87 -5.32 1.78
N VAL A 153 23.03 -6.42 2.50
CA VAL A 153 24.19 -7.31 2.33
C VAL A 153 23.69 -8.61 1.70
N PRO A 154 24.06 -8.93 0.47
CA PRO A 154 23.64 -10.20 -0.12
C PRO A 154 24.44 -11.36 0.45
N VAL A 155 23.73 -12.44 0.77
CA VAL A 155 24.32 -13.62 1.38
C VAL A 155 24.39 -14.71 0.32
N LYS A 156 25.60 -15.12 -0.04
CA LYS A 156 25.80 -16.11 -1.09
C LYS A 156 26.11 -17.50 -0.56
N SER A 157 25.99 -17.71 0.75
CA SER A 157 26.31 -19.00 1.37
C SER A 157 25.09 -19.92 1.36
N GLY A 158 25.37 -21.22 1.29
CA GLY A 158 24.32 -22.22 1.41
C GLY A 158 23.24 -22.07 0.36
N SER A 159 21.99 -22.23 0.80
CA SER A 159 20.85 -22.07 -0.10
C SER A 159 20.68 -20.64 -0.60
N ARG A 160 21.39 -19.68 -0.01
CA ARG A 160 21.31 -18.27 -0.42
C ARG A 160 19.87 -17.75 -0.32
N THR A 161 19.15 -18.21 0.70
CA THR A 161 17.81 -17.70 0.96
C THR A 161 17.68 -17.28 2.42
N LEU A 162 16.45 -17.32 2.93
CA LEU A 162 16.16 -16.73 4.23
C LEU A 162 17.02 -17.35 5.34
N LYS A 163 17.10 -18.68 5.37
CA LYS A 163 17.85 -19.34 6.44
C LYS A 163 19.28 -18.82 6.53
N ASP A 164 19.94 -18.67 5.38
CA ASP A 164 21.33 -18.22 5.39
C ASP A 164 21.45 -16.73 5.69
N ALA A 165 20.44 -15.94 5.34
CA ALA A 165 20.44 -14.53 5.72
C ALA A 165 20.36 -14.39 7.24
N ILE A 166 19.51 -15.18 7.88
CA ILE A 166 19.39 -15.14 9.33
C ILE A 166 20.69 -15.59 9.99
N ASP A 167 21.34 -16.62 9.42
CA ASP A 167 22.64 -17.04 9.92
C ASP A 167 23.61 -15.87 9.96
N GLU A 168 23.66 -15.09 8.88
CA GLU A 168 24.60 -13.97 8.81
C GLU A 168 24.20 -12.84 9.74
N ALA A 169 22.90 -12.58 9.90
CA ALA A 169 22.46 -11.52 10.79
C ALA A 169 22.78 -11.85 12.24
N LEU A 170 22.66 -13.13 12.61
CA LEU A 170 23.00 -13.54 13.97
C LEU A 170 24.50 -13.43 14.22
N ARG A 171 25.31 -13.77 13.23
CA ARG A 171 26.75 -13.56 13.35
C ARG A 171 27.08 -12.08 13.47
N ASP A 172 26.40 -11.24 12.68
CA ASP A 172 26.56 -9.79 12.82
C ASP A 172 26.21 -9.34 14.24
N TRP A 173 25.06 -9.78 14.75
CA TRP A 173 24.62 -9.40 16.08
C TRP A 173 25.68 -9.72 17.13
N ILE A 174 26.20 -10.95 17.10
CA ILE A 174 27.19 -11.36 18.09
C ILE A 174 28.46 -10.52 17.98
N THR A 175 28.83 -10.13 16.75
CA THR A 175 30.02 -9.33 16.52
C THR A 175 29.84 -7.87 16.97
N ASN A 176 28.60 -7.43 17.14
CA ASN A 176 28.32 -6.02 17.38
C ASN A 176 27.41 -5.82 18.58
N LEU A 177 27.60 -6.64 19.62
CA LEU A 177 26.68 -6.59 20.76
C LEU A 177 26.70 -5.24 21.45
N GLN A 178 27.83 -4.52 21.37
CA GLN A 178 27.92 -3.20 22.00
C GLN A 178 26.82 -2.26 21.51
N THR A 179 26.54 -2.28 20.21
CA THR A 179 25.70 -1.27 19.58
C THR A 179 24.38 -1.78 19.03
N THR A 180 24.26 -3.08 18.75
CA THR A 180 23.30 -3.58 17.78
C THR A 180 22.18 -4.39 18.45
N TYR A 181 20.96 -4.14 18.00
CA TYR A 181 19.78 -4.90 18.38
C TYR A 181 19.38 -5.76 17.19
N TYR A 182 19.18 -7.06 17.43
CA TYR A 182 18.76 -7.97 16.38
C TYR A 182 17.23 -8.02 16.32
N VAL A 183 16.67 -7.79 15.14
CA VAL A 183 15.22 -7.80 14.96
C VAL A 183 14.80 -9.05 14.19
N PRO A 184 14.28 -10.08 14.85
CA PRO A 184 13.74 -11.21 14.10
C PRO A 184 12.43 -10.83 13.43
N GLY A 185 12.21 -11.38 12.24
CA GLY A 185 11.00 -11.08 11.50
C GLY A 185 9.83 -11.99 11.79
N SER A 186 10.02 -13.05 12.56
CA SER A 186 8.96 -14.02 12.82
C SER A 186 9.04 -14.44 14.28
N VAL A 187 8.25 -15.46 14.64
CA VAL A 187 8.18 -15.91 16.03
C VAL A 187 9.16 -17.05 16.25
N VAL A 188 10.27 -17.03 15.54
CA VAL A 188 11.34 -18.01 15.67
C VAL A 188 12.55 -17.32 16.28
N GLY A 189 13.12 -17.92 17.32
CA GLY A 189 14.28 -17.38 17.97
C GLY A 189 14.32 -17.75 19.44
N PRO A 190 15.40 -17.38 20.11
CA PRO A 190 15.48 -17.67 21.55
C PRO A 190 14.57 -16.77 22.33
N HIS A 191 14.00 -17.32 23.41
CA HIS A 191 13.25 -16.50 24.35
C HIS A 191 14.08 -15.27 24.74
N PRO A 192 13.49 -14.08 24.84
CA PRO A 192 12.05 -13.78 24.77
C PRO A 192 11.52 -13.39 23.40
N TYR A 193 12.25 -13.64 22.32
CA TYR A 193 11.85 -13.14 21.01
C TYR A 193 10.51 -13.70 20.53
N PRO A 194 10.22 -15.00 20.64
CA PRO A 194 8.89 -15.46 20.19
C PRO A 194 7.74 -14.81 20.93
N ILE A 195 7.91 -14.51 22.22
CA ILE A 195 6.87 -13.82 22.98
C ILE A 195 6.74 -12.37 22.53
N ILE A 196 7.88 -11.70 22.32
CA ILE A 196 7.86 -10.29 21.95
C ILE A 196 7.18 -10.10 20.60
N VAL A 197 7.53 -10.94 19.63
CA VAL A 197 6.96 -10.78 18.29
C VAL A 197 5.47 -11.08 18.30
N ARG A 198 5.08 -12.18 18.95
CA ARG A 198 3.67 -12.55 19.02
C ARG A 198 2.86 -11.47 19.73
N ASN A 199 3.43 -10.85 20.77
CA ASN A 199 2.70 -9.81 21.49
C ASN A 199 2.58 -8.53 20.69
N PHE A 200 3.45 -8.31 19.69
CA PHE A 200 3.26 -7.18 18.79
C PHE A 200 2.29 -7.51 17.66
N GLN A 201 2.11 -8.78 17.32
CA GLN A 201 1.23 -9.15 16.22
C GLN A 201 -0.19 -9.49 16.68
N LYS A 202 -0.41 -9.75 17.97
CA LYS A 202 -1.74 -10.15 18.40
C LYS A 202 -2.77 -9.03 18.28
N VAL A 203 -2.35 -7.80 18.00
CA VAL A 203 -3.29 -6.74 17.68
C VAL A 203 -4.18 -7.15 16.50
N ILE A 204 -3.66 -7.98 15.60
CA ILE A 204 -4.45 -8.44 14.45
C ILE A 204 -5.66 -9.24 14.92
N GLY A 205 -5.43 -10.20 15.81
CA GLY A 205 -6.54 -11.01 16.32
C GLY A 205 -7.44 -10.24 17.26
N GLU A 206 -6.89 -9.31 18.02
CA GLU A 206 -7.71 -8.52 18.93
C GLU A 206 -8.65 -7.60 18.17
N GLU A 207 -8.16 -6.98 17.09
CA GLU A 207 -9.05 -6.20 16.22
C GLU A 207 -10.09 -7.11 15.59
N THR A 208 -9.65 -8.24 15.01
CA THR A 208 -10.57 -9.17 14.36
C THR A 208 -11.67 -9.60 15.32
N LYS A 209 -11.31 -9.86 16.57
CA LYS A 209 -12.28 -10.33 17.56
C LYS A 209 -13.36 -9.30 17.83
N LYS A 210 -13.02 -8.01 17.78
CA LYS A 210 -14.02 -6.96 17.97
C LYS A 210 -14.78 -6.62 16.70
N GLN A 211 -14.22 -6.92 15.53
CA GLN A 211 -14.86 -6.56 14.26
C GLN A 211 -15.86 -7.62 13.78
N ILE A 212 -15.57 -8.90 13.99
CA ILE A 212 -16.42 -9.95 13.41
C ILE A 212 -17.82 -9.99 14.03
N PRO A 213 -18.03 -9.71 15.33
CA PRO A 213 -19.43 -9.67 15.81
C PRO A 213 -20.25 -8.57 15.18
N GLU A 214 -19.63 -7.46 14.78
CA GLU A 214 -20.35 -6.40 14.11
C GLU A 214 -20.81 -6.80 12.71
N LYS A 215 -20.23 -7.85 12.14
CA LYS A 215 -20.58 -8.32 10.81
C LYS A 215 -21.48 -9.54 10.82
N GLU A 216 -21.33 -10.43 11.80
CA GLU A 216 -22.09 -11.67 11.81
C GLU A 216 -22.76 -11.95 13.14
N GLY A 217 -22.54 -11.12 14.15
CA GLY A 217 -23.17 -11.31 15.44
C GLY A 217 -22.59 -12.43 16.29
N ARG A 218 -21.52 -13.08 15.84
CA ARG A 218 -20.95 -14.21 16.57
C ARG A 218 -19.51 -14.38 16.12
N LEU A 219 -18.82 -15.33 16.75
CA LEU A 219 -17.46 -15.66 16.38
C LEU A 219 -17.44 -16.41 15.05
N PRO A 220 -16.37 -16.29 14.27
CA PRO A 220 -16.32 -16.97 12.97
C PRO A 220 -16.22 -18.48 13.15
N ASP A 221 -16.55 -19.20 12.07
CA ASP A 221 -16.41 -20.65 12.07
C ASP A 221 -14.96 -21.07 11.86
N TYR A 222 -14.25 -20.39 10.97
CA TYR A 222 -12.86 -20.67 10.65
C TYR A 222 -12.05 -19.38 10.61
N ILE A 223 -10.78 -19.49 10.97
CA ILE A 223 -9.78 -18.46 10.69
C ILE A 223 -8.57 -19.16 10.07
N VAL A 224 -8.15 -18.69 8.90
CA VAL A 224 -7.09 -19.33 8.12
C VAL A 224 -5.96 -18.34 7.93
N ALA A 225 -4.73 -18.79 8.13
CA ALA A 225 -3.57 -17.94 7.94
C ALA A 225 -2.40 -18.80 7.49
N CYS A 226 -1.53 -18.23 6.66
CA CYS A 226 -0.36 -18.97 6.23
C CYS A 226 0.69 -18.99 7.34
N VAL A 227 1.54 -20.02 7.32
CA VAL A 227 2.50 -20.25 8.39
C VAL A 227 3.83 -20.65 7.77
N SER A 228 4.86 -19.82 7.97
CA SER A 228 6.24 -20.25 7.79
C SER A 228 6.88 -20.23 9.16
N GLY A 229 7.50 -19.12 9.58
CA GLY A 229 7.84 -18.97 10.99
C GLY A 229 6.60 -18.89 11.85
N GLY A 230 5.59 -18.12 11.41
CA GLY A 230 4.29 -18.14 12.05
C GLY A 230 3.82 -16.85 12.70
N SER A 231 4.41 -15.70 12.38
CA SER A 231 4.06 -14.49 13.14
C SER A 231 2.68 -13.94 12.76
N ASN A 232 2.35 -13.90 11.47
CA ASN A 232 1.03 -13.38 11.13
C ASN A 232 -0.07 -14.30 11.65
N ALA A 233 0.14 -15.61 11.61
CA ALA A 233 -0.85 -16.55 12.12
C ALA A 233 -0.93 -16.49 13.64
N ALA A 234 0.22 -16.39 14.32
CA ALA A 234 0.18 -16.24 15.79
C ALA A 234 -0.60 -15.00 16.18
N GLY A 235 -0.43 -13.91 15.44
CA GLY A 235 -1.11 -12.68 15.78
C GLY A 235 -2.61 -12.77 15.67
N ILE A 236 -3.10 -13.45 14.62
CA ILE A 236 -4.56 -13.53 14.49
C ILE A 236 -5.12 -14.68 15.33
N PHE A 237 -4.34 -15.74 15.55
CA PHE A 237 -4.86 -16.89 16.30
C PHE A 237 -4.89 -16.65 17.80
N TYR A 238 -3.89 -15.94 18.34
CA TYR A 238 -3.68 -15.91 19.79
C TYR A 238 -4.91 -15.53 20.58
N PRO A 239 -5.64 -14.44 20.27
CA PRO A 239 -6.83 -14.13 21.07
C PRO A 239 -7.97 -15.12 20.91
N PHE A 240 -7.88 -16.06 19.97
CA PHE A 240 -8.95 -17.02 19.73
C PHE A 240 -8.64 -18.42 20.25
N ILE A 241 -7.47 -18.62 20.87
CA ILE A 241 -7.12 -19.95 21.37
C ILE A 241 -8.17 -20.41 22.38
N ASP A 242 -8.64 -21.64 22.21
CA ASP A 242 -9.63 -22.26 23.11
C ASP A 242 -10.99 -21.58 23.04
N SER A 243 -11.30 -20.92 21.92
CA SER A 243 -12.59 -20.27 21.75
C SER A 243 -13.62 -21.15 21.05
N GLY A 244 -13.21 -22.25 20.44
CA GLY A 244 -14.07 -23.06 19.61
C GLY A 244 -13.99 -22.73 18.12
N VAL A 245 -13.46 -21.56 17.76
CA VAL A 245 -13.19 -21.30 16.35
C VAL A 245 -12.15 -22.30 15.85
N LYS A 246 -12.36 -22.81 14.64
CA LYS A 246 -11.38 -23.69 14.00
C LYS A 246 -10.27 -22.82 13.43
N LEU A 247 -9.09 -22.91 14.01
CA LEU A 247 -7.92 -22.16 13.58
C LEU A 247 -7.07 -23.04 12.68
N ILE A 248 -6.80 -22.58 11.47
CA ILE A 248 -6.10 -23.39 10.45
C ILE A 248 -4.86 -22.64 9.99
N GLY A 249 -3.68 -23.21 10.25
CA GLY A 249 -2.43 -22.70 9.73
C GLY A 249 -2.02 -23.49 8.49
N VAL A 250 -1.62 -22.77 7.44
CA VAL A 250 -1.33 -23.38 6.15
C VAL A 250 0.15 -23.20 5.84
N GLU A 251 0.88 -24.31 5.78
CA GLU A 251 2.30 -24.32 5.45
C GLU A 251 2.50 -24.40 3.94
N ALA A 252 3.73 -24.10 3.51
CA ALA A 252 4.10 -24.14 2.10
C ALA A 252 4.38 -25.58 1.68
N GLY A 253 3.55 -26.12 0.81
CA GLY A 253 3.79 -27.46 0.29
C GLY A 253 4.71 -27.53 -0.91
N GLY A 254 5.13 -26.38 -1.45
CA GLY A 254 6.11 -26.40 -2.53
C GLY A 254 5.63 -27.17 -3.74
N GLU A 255 6.51 -28.01 -4.29
CA GLU A 255 6.14 -28.88 -5.40
C GLU A 255 5.31 -30.07 -4.94
N GLY A 256 5.17 -30.29 -3.64
CA GLY A 256 4.42 -31.40 -3.11
C GLY A 256 5.08 -31.96 -1.88
N LEU A 257 4.28 -32.38 -0.90
CA LEU A 257 4.83 -32.81 0.38
C LEU A 257 5.68 -34.06 0.26
N GLU A 258 5.55 -34.81 -0.84
CA GLU A 258 6.32 -36.03 -1.04
C GLU A 258 7.48 -35.84 -2.01
N THR A 259 7.71 -34.62 -2.50
CA THR A 259 8.77 -34.35 -3.46
C THR A 259 10.10 -33.96 -2.81
N GLY A 260 10.11 -33.70 -1.51
CA GLY A 260 11.30 -33.14 -0.89
C GLY A 260 11.58 -31.70 -1.21
N LYS A 261 10.65 -30.99 -1.86
CA LYS A 261 10.81 -29.56 -2.19
C LYS A 261 9.63 -28.81 -1.60
N HIS A 262 9.74 -28.44 -0.34
CA HIS A 262 8.67 -27.75 0.37
C HIS A 262 9.28 -27.06 1.59
N ALA A 263 8.41 -26.45 2.40
CA ALA A 263 8.86 -25.81 3.63
C ALA A 263 7.91 -26.13 4.77
N ALA A 264 7.38 -27.36 4.78
CA ALA A 264 6.31 -27.76 5.71
C ALA A 264 6.94 -28.37 6.96
N SER A 265 7.43 -27.49 7.84
CA SER A 265 8.18 -27.90 9.02
C SER A 265 7.32 -28.71 9.99
N LEU A 266 6.10 -28.26 10.26
CA LEU A 266 5.26 -28.99 11.21
C LEU A 266 4.84 -30.34 10.65
N LEU A 267 4.50 -30.39 9.36
CA LEU A 267 3.99 -31.61 8.77
C LEU A 267 5.08 -32.64 8.49
N LYS A 268 6.29 -32.19 8.14
CA LYS A 268 7.34 -33.09 7.69
C LYS A 268 8.65 -32.97 8.44
N GLY A 269 8.78 -32.02 9.37
CA GLY A 269 10.02 -31.85 10.10
C GLY A 269 10.12 -32.77 11.30
N LYS A 270 11.26 -32.65 12.00
CA LYS A 270 11.49 -33.36 13.25
C LYS A 270 11.94 -32.37 14.31
N ILE A 271 11.87 -32.81 15.57
CA ILE A 271 12.34 -31.98 16.68
C ILE A 271 13.80 -31.63 16.47
N GLY A 272 14.15 -30.38 16.72
CA GLY A 272 15.50 -29.93 16.50
C GLY A 272 15.68 -28.52 17.01
N TYR A 273 16.86 -27.97 16.74
CA TYR A 273 17.22 -26.63 17.15
C TYR A 273 17.53 -25.80 15.92
N LEU A 274 16.95 -24.60 15.84
CA LEU A 274 17.22 -23.69 14.74
C LEU A 274 17.11 -22.26 15.24
N HIS A 275 18.18 -21.49 15.06
CA HIS A 275 18.19 -20.05 15.34
C HIS A 275 17.69 -19.72 16.74
N GLY A 276 18.00 -20.60 17.71
CA GLY A 276 17.71 -20.34 19.11
C GLY A 276 16.53 -21.09 19.68
N SER A 277 15.67 -21.66 18.85
CA SER A 277 14.44 -22.31 19.32
C SER A 277 14.55 -23.82 19.17
N LYS A 278 14.05 -24.54 20.17
CA LYS A 278 13.75 -25.96 20.03
C LYS A 278 12.36 -26.07 19.42
N THR A 279 12.26 -26.63 18.22
CA THR A 279 11.00 -26.60 17.47
C THR A 279 11.10 -27.65 16.38
N PHE A 280 10.14 -27.62 15.45
CA PHE A 280 10.15 -28.53 14.32
C PHE A 280 10.96 -27.93 13.19
N VAL A 281 11.89 -28.73 12.66
CA VAL A 281 12.85 -28.32 11.66
C VAL A 281 12.95 -29.40 10.59
N LEU A 282 13.00 -28.99 9.33
CA LEU A 282 13.26 -29.94 8.25
C LEU A 282 14.70 -30.42 8.34
N GLN A 283 14.90 -31.72 8.56
CA GLN A 283 16.24 -32.25 8.72
C GLN A 283 16.29 -33.67 8.15
N ASP A 284 17.50 -34.09 7.78
CA ASP A 284 17.69 -35.46 7.32
C ASP A 284 17.76 -36.38 8.54
N ASP A 285 18.02 -37.67 8.29
CA ASP A 285 18.03 -38.65 9.37
C ASP A 285 19.27 -38.54 10.26
N TRP A 286 20.20 -37.65 9.94
CA TRP A 286 21.39 -37.43 10.78
C TRP A 286 21.33 -36.12 11.54
N GLY A 287 20.19 -35.44 11.54
CA GLY A 287 20.06 -34.19 12.26
C GLY A 287 20.58 -32.96 11.54
N GLN A 288 20.90 -33.07 10.26
CA GLN A 288 21.38 -31.93 9.49
C GLN A 288 20.19 -31.19 8.89
N VAL A 289 20.12 -29.88 9.13
CA VAL A 289 19.02 -29.08 8.60
C VAL A 289 19.06 -29.11 7.08
N GLN A 290 17.89 -29.26 6.47
CA GLN A 290 17.78 -29.33 5.02
C GLN A 290 17.32 -27.99 4.46
N ALA A 291 17.54 -27.83 3.16
CA ALA A 291 17.06 -26.64 2.45
C ALA A 291 15.56 -26.77 2.21
N SER A 292 14.84 -25.69 2.46
CA SER A 292 13.42 -25.61 2.15
C SER A 292 13.24 -25.08 0.73
N HIS A 293 12.00 -25.20 0.22
CA HIS A 293 11.65 -24.67 -1.09
C HIS A 293 10.21 -24.19 -1.08
N SER A 294 9.95 -23.09 -1.78
CA SER A 294 8.61 -22.56 -1.96
C SER A 294 8.63 -21.55 -3.09
N VAL A 295 7.53 -21.48 -3.83
CA VAL A 295 7.38 -20.40 -4.82
C VAL A 295 7.39 -19.05 -4.11
N SER A 296 7.00 -19.01 -2.85
CA SER A 296 6.94 -17.78 -2.07
C SER A 296 8.21 -17.66 -1.24
N ALA A 297 8.98 -16.59 -1.48
CA ALA A 297 10.21 -16.37 -0.73
C ALA A 297 9.93 -16.18 0.75
N GLY A 298 8.76 -15.64 1.10
CA GLY A 298 8.44 -15.42 2.50
C GLY A 298 8.20 -16.68 3.30
N LEU A 299 7.81 -17.77 2.64
CA LEU A 299 7.58 -19.03 3.33
C LEU A 299 8.75 -20.00 3.20
N ASP A 300 9.82 -19.60 2.52
CA ASP A 300 10.95 -20.47 2.21
C ASP A 300 11.90 -20.50 3.40
N TYR A 301 11.54 -21.30 4.41
CA TYR A 301 12.27 -21.36 5.68
C TYR A 301 12.06 -22.74 6.29
N PRO A 302 13.12 -23.41 6.77
CA PRO A 302 12.99 -24.80 7.22
C PRO A 302 12.45 -24.99 8.62
N GLY A 303 12.21 -23.93 9.39
CA GLY A 303 11.72 -24.04 10.75
C GLY A 303 10.35 -23.41 10.92
N VAL A 304 9.84 -23.53 12.15
CA VAL A 304 8.54 -22.98 12.53
C VAL A 304 8.64 -22.51 13.97
N GLY A 305 7.82 -21.51 14.32
CA GLY A 305 7.81 -20.98 15.66
C GLY A 305 7.44 -22.01 16.70
N PRO A 306 8.12 -21.99 17.84
CA PRO A 306 7.83 -22.97 18.90
C PRO A 306 6.42 -22.90 19.44
N GLU A 307 5.77 -21.74 19.39
CA GLU A 307 4.39 -21.66 19.86
C GLU A 307 3.45 -22.45 18.96
N HIS A 308 3.76 -22.52 17.66
CA HIS A 308 2.95 -23.29 16.74
C HIS A 308 3.18 -24.79 16.93
N ALA A 309 4.43 -25.19 17.21
CA ALA A 309 4.67 -26.59 17.54
C ALA A 309 3.86 -27.01 18.75
N TYR A 310 3.75 -26.12 19.74
CA TYR A 310 2.95 -26.42 20.93
C TYR A 310 1.46 -26.44 20.62
N TRP A 311 0.98 -25.46 19.85
CA TRP A 311 -0.44 -25.44 19.47
C TRP A 311 -0.80 -26.67 18.66
N ARG A 312 0.08 -27.10 17.75
CA ARG A 312 -0.19 -28.29 16.97
C ARG A 312 -0.30 -29.52 17.89
N GLU A 313 0.62 -29.64 18.85
CA GLU A 313 0.66 -30.80 19.72
C GLU A 313 -0.58 -30.90 20.60
N THR A 314 -1.07 -29.76 21.10
CA THR A 314 -2.22 -29.74 21.98
C THR A 314 -3.55 -29.65 21.23
N GLY A 315 -3.52 -29.56 19.91
CA GLY A 315 -4.75 -29.50 19.13
C GLY A 315 -5.47 -28.17 19.15
N LYS A 316 -4.83 -27.11 19.63
CA LYS A 316 -5.48 -25.81 19.67
C LYS A 316 -5.52 -25.13 18.31
N VAL A 317 -4.60 -25.48 17.41
CA VAL A 317 -4.60 -25.03 16.03
C VAL A 317 -4.40 -26.25 15.14
N LEU A 318 -5.06 -26.28 14.00
CA LEU A 318 -4.90 -27.35 13.02
C LEU A 318 -4.01 -26.88 11.87
N TYR A 319 -3.16 -27.75 11.37
CA TYR A 319 -2.18 -27.39 10.35
C TYR A 319 -2.30 -28.31 9.14
N ASP A 320 -2.10 -27.73 7.97
CA ASP A 320 -2.08 -28.43 6.69
C ASP A 320 -1.18 -27.64 5.74
N ALA A 321 -1.12 -28.06 4.48
CA ALA A 321 -0.29 -27.38 3.50
C ALA A 321 -1.00 -27.33 2.16
N VAL A 322 -0.58 -26.38 1.33
CA VAL A 322 -1.02 -26.29 -0.05
C VAL A 322 0.23 -26.13 -0.92
N THR A 323 0.09 -26.51 -2.19
CA THR A 323 1.21 -26.54 -3.11
C THR A 323 1.45 -25.16 -3.75
N ASP A 324 2.61 -25.04 -4.39
CA ASP A 324 2.93 -23.86 -5.19
C ASP A 324 1.83 -23.54 -6.19
N GLU A 325 1.35 -24.57 -6.91
CA GLU A 325 0.36 -24.34 -7.96
C GLU A 325 -0.98 -23.89 -7.39
N GLU A 326 -1.37 -24.44 -6.24
CA GLU A 326 -2.61 -24.01 -5.59
C GLU A 326 -2.50 -22.57 -5.12
N ALA A 327 -1.35 -22.18 -4.58
CA ALA A 327 -1.16 -20.79 -4.15
C ALA A 327 -1.16 -19.84 -5.34
N LEU A 328 -0.56 -20.25 -6.46
CA LEU A 328 -0.57 -19.40 -7.65
C LEU A 328 -1.99 -19.20 -8.17
N ASP A 329 -2.81 -20.27 -8.15
CA ASP A 329 -4.21 -20.13 -8.56
C ASP A 329 -4.97 -19.17 -7.67
N ALA A 330 -4.68 -19.18 -6.37
CA ALA A 330 -5.40 -18.30 -5.44
C ALA A 330 -4.97 -16.86 -5.59
N PHE A 331 -3.68 -16.64 -5.88
CA PHE A 331 -3.18 -15.31 -6.20
C PHE A 331 -3.93 -14.71 -7.39
N ILE A 332 -4.07 -15.49 -8.46
CA ILE A 332 -4.78 -15.02 -9.64
C ILE A 332 -6.27 -14.84 -9.33
N GLU A 333 -6.84 -15.74 -8.54
CA GLU A 333 -8.27 -15.70 -8.26
C GLU A 333 -8.66 -14.43 -7.51
N LEU A 334 -7.89 -14.08 -6.46
CA LEU A 334 -8.25 -12.88 -5.70
C LEU A 334 -8.06 -11.61 -6.53
N SER A 335 -7.02 -11.59 -7.37
CA SER A 335 -6.81 -10.44 -8.25
C SER A 335 -8.02 -10.23 -9.17
N ARG A 336 -8.52 -11.32 -9.75
CA ARG A 336 -9.61 -11.25 -10.74
C ARG A 336 -10.95 -10.94 -10.08
N LEU A 337 -11.23 -11.58 -8.93
CA LEU A 337 -12.56 -11.54 -8.35
C LEU A 337 -12.79 -10.35 -7.44
N GLU A 338 -11.75 -9.89 -6.73
CA GLU A 338 -11.89 -8.81 -5.77
C GLU A 338 -11.04 -7.60 -6.09
N GLY A 339 -10.20 -7.66 -7.12
CA GLY A 339 -9.30 -6.56 -7.39
C GLY A 339 -8.24 -6.35 -6.33
N ILE A 340 -7.90 -7.40 -5.57
CA ILE A 340 -6.87 -7.33 -4.54
C ILE A 340 -5.77 -8.31 -4.94
N ILE A 341 -4.56 -7.80 -5.14
CA ILE A 341 -3.41 -8.63 -5.47
C ILE A 341 -2.75 -9.05 -4.16
N PRO A 342 -2.88 -10.30 -3.73
CA PRO A 342 -2.35 -10.72 -2.44
C PRO A 342 -0.90 -11.14 -2.53
N ALA A 343 -0.21 -11.08 -1.40
CA ALA A 343 1.12 -11.68 -1.33
C ALA A 343 1.02 -13.17 -1.63
N LEU A 344 2.07 -13.71 -2.24
CA LEU A 344 2.10 -15.15 -2.51
C LEU A 344 2.09 -15.95 -1.22
N GLU A 345 2.63 -15.38 -0.13
CA GLU A 345 2.52 -16.00 1.18
C GLU A 345 1.06 -16.19 1.56
N SER A 346 0.31 -15.08 1.62
CA SER A 346 -1.10 -15.13 1.97
C SER A 346 -1.92 -15.95 1.00
N SER A 347 -1.46 -16.09 -0.24
CA SER A 347 -2.19 -16.90 -1.22
C SER A 347 -2.28 -18.36 -0.80
N HIS A 348 -1.36 -18.83 0.04
CA HIS A 348 -1.48 -20.20 0.56
C HIS A 348 -2.70 -20.33 1.45
N ALA A 349 -2.99 -19.29 2.26
CA ALA A 349 -4.21 -19.30 3.06
C ALA A 349 -5.45 -19.25 2.19
N LEU A 350 -5.45 -18.39 1.16
CA LEU A 350 -6.61 -18.28 0.29
C LEU A 350 -6.86 -19.56 -0.48
N ALA A 351 -5.79 -20.28 -0.85
CA ALA A 351 -5.95 -21.55 -1.53
C ALA A 351 -6.65 -22.58 -0.66
N TYR A 352 -6.56 -22.45 0.66
CA TYR A 352 -7.17 -23.44 1.53
C TYR A 352 -8.68 -23.33 1.56
N LEU A 353 -9.27 -22.25 1.03
CA LEU A 353 -10.73 -22.17 0.95
C LEU A 353 -11.30 -23.34 0.15
N LYS A 354 -10.52 -23.90 -0.77
CA LYS A 354 -10.95 -25.04 -1.56
C LYS A 354 -10.88 -26.36 -0.80
N LYS A 355 -10.25 -26.38 0.37
CA LYS A 355 -9.97 -27.61 1.09
C LYS A 355 -10.87 -27.80 2.31
N ILE A 356 -11.75 -26.86 2.59
CA ILE A 356 -12.65 -27.00 3.73
C ILE A 356 -14.08 -26.91 3.24
N ASN A 357 -14.97 -27.56 3.99
CA ASN A 357 -16.40 -27.56 3.68
C ASN A 357 -16.98 -26.30 4.29
N ILE A 358 -17.03 -25.22 3.51
CA ILE A 358 -17.37 -23.91 4.06
C ILE A 358 -18.72 -23.40 3.57
N LYS A 359 -19.51 -24.22 2.90
CA LYS A 359 -20.84 -23.79 2.52
C LYS A 359 -21.59 -23.27 3.74
N GLY A 360 -22.03 -22.01 3.68
CA GLY A 360 -22.74 -21.37 4.77
C GLY A 360 -21.90 -20.93 5.95
N LYS A 361 -20.58 -21.09 5.90
CA LYS A 361 -19.74 -20.83 7.06
C LYS A 361 -19.12 -19.43 7.00
N VAL A 362 -18.81 -18.89 8.17
CA VAL A 362 -18.11 -17.61 8.28
C VAL A 362 -16.62 -17.91 8.39
N VAL A 363 -15.84 -17.37 7.44
CA VAL A 363 -14.40 -17.64 7.35
C VAL A 363 -13.66 -16.32 7.30
N VAL A 364 -12.67 -16.17 8.19
CA VAL A 364 -11.75 -15.04 8.14
C VAL A 364 -10.41 -15.54 7.60
N VAL A 365 -9.93 -14.91 6.54
CA VAL A 365 -8.60 -15.19 5.99
C VAL A 365 -7.71 -14.01 6.34
N ASN A 366 -6.53 -14.31 6.88
CA ASN A 366 -5.56 -13.27 7.19
C ASN A 366 -4.82 -12.90 5.92
N LEU A 367 -5.10 -11.73 5.38
CA LEU A 367 -4.42 -11.22 4.18
C LEU A 367 -3.16 -10.48 4.65
N SER A 368 -2.08 -11.23 4.82
CA SER A 368 -0.91 -10.72 5.53
C SER A 368 -0.14 -9.65 4.76
N GLY A 369 -0.26 -9.62 3.43
CA GLY A 369 0.40 -8.55 2.68
C GLY A 369 -0.11 -8.47 1.27
N ARG A 370 0.35 -7.45 0.55
CA ARG A 370 0.00 -7.29 -0.85
CA ARG A 370 0.00 -7.29 -0.85
C ARG A 370 1.07 -7.92 -1.73
N GLY A 371 0.68 -8.25 -2.96
CA GLY A 371 1.54 -9.04 -3.82
C GLY A 371 2.26 -8.32 -4.94
N ASP A 372 2.41 -6.99 -4.83
CA ASP A 372 3.19 -6.26 -5.83
C ASP A 372 4.59 -6.83 -6.01
N LYS A 373 5.21 -7.23 -4.90
CA LYS A 373 6.57 -7.78 -4.95
C LYS A 373 6.63 -9.10 -5.72
N ASP A 374 5.52 -9.82 -5.84
CA ASP A 374 5.49 -11.14 -6.45
C ASP A 374 5.06 -11.09 -7.92
N LEU A 375 4.80 -9.89 -8.44
CA LEU A 375 4.23 -9.75 -9.78
C LEU A 375 5.07 -10.47 -10.83
N GLU A 376 6.38 -10.18 -10.86
CA GLU A 376 7.24 -10.74 -11.90
C GLU A 376 7.35 -12.25 -11.79
N SER A 377 7.57 -12.75 -10.57
CA SER A 377 7.78 -14.19 -10.39
C SER A 377 6.52 -15.00 -10.70
N VAL A 378 5.35 -14.42 -10.49
CA VAL A 378 4.11 -15.14 -10.79
C VAL A 378 3.92 -15.28 -12.30
N LEU A 379 4.11 -14.17 -13.03
CA LEU A 379 3.87 -14.20 -14.47
C LEU A 379 4.92 -15.05 -15.20
N ASN A 380 6.14 -15.11 -14.70
CA ASN A 380 7.19 -15.89 -15.33
C ASN A 380 7.18 -17.36 -14.91
N HIS A 381 6.33 -17.74 -13.96
CA HIS A 381 6.29 -19.13 -13.53
C HIS A 381 5.73 -20.02 -14.65
N PRO A 382 6.33 -21.20 -14.86
CA PRO A 382 5.88 -22.05 -15.98
C PRO A 382 4.42 -22.49 -15.86
N TYR A 383 3.92 -22.66 -14.64
CA TYR A 383 2.52 -23.07 -14.46
C TYR A 383 1.57 -21.97 -14.88
N VAL A 384 1.92 -20.72 -14.61
CA VAL A 384 1.08 -19.60 -15.01
C VAL A 384 1.18 -19.35 -16.50
N ARG A 385 2.37 -19.49 -17.08
CA ARG A 385 2.56 -19.27 -18.51
C ARG A 385 1.86 -20.36 -19.34
N LYS B 2 -25.03 23.85 -12.83
CA LYS B 2 -24.73 24.70 -13.97
C LYS B 2 -23.56 24.15 -14.78
N GLY B 3 -22.62 23.52 -14.10
CA GLY B 3 -21.41 23.04 -14.74
C GLY B 3 -20.41 24.10 -15.07
N ASN B 4 -20.65 25.35 -14.68
CA ASN B 4 -19.76 26.46 -14.97
C ASN B 4 -19.19 26.99 -13.67
N PHE B 5 -17.88 27.06 -13.58
CA PHE B 5 -17.19 27.66 -12.44
C PHE B 5 -16.75 29.04 -12.89
N GLY B 6 -17.59 30.04 -12.60
CA GLY B 6 -17.44 31.33 -13.24
C GLY B 6 -17.54 31.15 -14.74
N PRO B 7 -16.51 31.59 -15.47
CA PRO B 7 -16.50 31.40 -16.93
C PRO B 7 -15.90 30.08 -17.40
N TYR B 8 -15.44 29.24 -16.48
CA TYR B 8 -14.75 28.00 -16.83
C TYR B 8 -15.71 26.82 -16.76
N GLY B 9 -15.30 25.73 -17.41
CA GLY B 9 -16.06 24.48 -17.36
C GLY B 9 -16.89 24.27 -18.61
N GLY B 10 -18.17 24.01 -18.44
CA GLY B 10 -19.07 23.82 -19.57
C GLY B 10 -18.99 22.41 -20.13
N GLN B 11 -19.64 22.24 -21.28
CA GLN B 11 -19.70 20.98 -22.02
C GLN B 11 -19.29 21.24 -23.47
N ASN B 12 -18.00 21.45 -23.69
CA ASN B 12 -17.49 21.79 -25.03
C ASN B 12 -17.03 20.51 -25.72
N VAL B 13 -18.00 19.81 -26.28
CA VAL B 13 -17.79 18.45 -26.79
C VAL B 13 -18.45 18.34 -28.16
N PRO B 14 -18.06 17.36 -28.96
CA PRO B 14 -18.84 17.04 -30.16
C PRO B 14 -20.27 16.68 -29.77
N GLU B 15 -21.21 16.96 -30.69
CA GLU B 15 -22.62 16.79 -30.41
C GLU B 15 -22.96 15.35 -30.01
N ILE B 16 -22.23 14.37 -30.56
CA ILE B 16 -22.54 12.96 -30.31
C ILE B 16 -22.43 12.61 -28.83
N LEU B 17 -21.71 13.40 -28.04
CA LEU B 17 -21.56 13.12 -26.62
C LEU B 17 -22.62 13.79 -25.75
N MET B 18 -23.43 14.70 -26.32
CA MET B 18 -24.36 15.46 -25.51
C MET B 18 -25.40 14.54 -24.85
N GLY B 19 -25.92 13.56 -25.60
CA GLY B 19 -26.92 12.68 -25.03
C GLY B 19 -26.40 11.90 -23.82
N ALA B 20 -25.20 11.33 -23.95
CA ALA B 20 -24.63 10.56 -22.86
C ALA B 20 -24.39 11.42 -21.62
N LEU B 21 -24.00 12.68 -21.83
CA LEU B 21 -23.73 13.57 -20.70
C LEU B 21 -25.02 13.98 -19.98
N GLU B 22 -26.13 14.11 -20.71
CA GLU B 22 -27.39 14.42 -20.05
C GLU B 22 -27.94 13.22 -19.29
N GLU B 23 -27.80 12.02 -19.87
CA GLU B 23 -28.15 10.80 -19.15
C GLU B 23 -27.28 10.64 -17.91
N LEU B 24 -25.98 10.95 -18.02
CA LEU B 24 -25.10 10.85 -16.86
C LEU B 24 -25.50 11.87 -15.79
N GLU B 25 -25.78 13.10 -16.19
CA GLU B 25 -26.18 14.11 -15.22
C GLU B 25 -27.49 13.74 -14.54
N ALA B 26 -28.43 13.16 -15.30
CA ALA B 26 -29.70 12.74 -14.72
C ALA B 26 -29.49 11.60 -13.72
N ALA B 27 -28.74 10.57 -14.12
CA ALA B 27 -28.48 9.46 -13.21
C ALA B 27 -27.76 9.92 -11.96
N TYR B 28 -26.79 10.84 -12.11
CA TYR B 28 -26.03 11.31 -10.95
C TYR B 28 -26.93 12.07 -9.98
N GLU B 29 -27.82 12.93 -10.50
CA GLU B 29 -28.74 13.64 -9.62
C GLU B 29 -29.68 12.69 -8.90
N GLY B 30 -30.00 11.56 -9.52
CA GLY B 30 -30.84 10.57 -8.86
C GLY B 30 -30.16 9.93 -7.65
N ILE B 31 -28.88 9.59 -7.79
CA ILE B 31 -28.17 8.94 -6.69
C ILE B 31 -27.69 9.94 -5.64
N MET B 32 -27.67 11.23 -5.97
CA MET B 32 -27.19 12.23 -5.01
C MET B 32 -28.08 12.31 -3.78
N LYS B 33 -29.33 11.87 -3.88
CA LYS B 33 -30.26 11.85 -2.76
C LYS B 33 -30.61 10.43 -2.33
N ASP B 34 -29.92 9.43 -2.85
CA ASP B 34 -30.22 8.03 -2.59
C ASP B 34 -29.33 7.51 -1.47
N GLU B 35 -29.96 7.13 -0.35
CA GLU B 35 -29.19 6.63 0.80
C GLU B 35 -28.64 5.24 0.53
N SER B 36 -29.29 4.45 -0.33
CA SER B 36 -28.77 3.13 -0.66
C SER B 36 -27.46 3.21 -1.44
N PHE B 37 -27.26 4.28 -2.20
CA PHE B 37 -26.00 4.46 -2.92
C PHE B 37 -24.87 4.79 -1.97
N TRP B 38 -25.05 5.83 -1.14
CA TRP B 38 -23.97 6.27 -0.26
C TRP B 38 -23.68 5.26 0.84
N LYS B 39 -24.65 4.41 1.20
CA LYS B 39 -24.36 3.34 2.16
C LYS B 39 -23.40 2.32 1.56
N GLU B 40 -23.67 1.89 0.33
CA GLU B 40 -22.76 0.96 -0.33
C GLU B 40 -21.41 1.61 -0.62
N TYR B 41 -21.42 2.88 -1.03
CA TYR B 41 -20.17 3.56 -1.38
C TYR B 41 -19.31 3.77 -0.14
N ASN B 42 -19.91 4.24 0.95
CA ASN B 42 -19.15 4.51 2.16
C ASN B 42 -18.63 3.22 2.79
N ASP B 43 -19.42 2.13 2.73
CA ASP B 43 -18.95 0.85 3.24
C ASP B 43 -17.73 0.36 2.46
N LEU B 44 -17.73 0.56 1.14
CA LEU B 44 -16.59 0.15 0.34
C LEU B 44 -15.37 1.03 0.61
N LEU B 45 -15.59 2.34 0.79
CA LEU B 45 -14.47 3.22 1.13
C LEU B 45 -13.81 2.78 2.44
N ARG B 46 -14.60 2.35 3.40
CA ARG B 46 -14.06 1.97 4.70
C ARG B 46 -13.38 0.60 4.65
N ASP B 47 -14.08 -0.42 4.17
CA ASP B 47 -13.58 -1.80 4.25
C ASP B 47 -12.72 -2.21 3.08
N TYR B 48 -12.93 -1.63 1.89
CA TYR B 48 -12.17 -2.02 0.71
C TYR B 48 -11.00 -1.08 0.45
N ALA B 49 -11.22 0.23 0.54
CA ALA B 49 -10.14 1.18 0.27
C ALA B 49 -9.31 1.48 1.51
N GLY B 50 -9.91 1.44 2.69
CA GLY B 50 -9.22 1.68 3.93
C GLY B 50 -9.49 3.00 4.62
N ARG B 51 -10.57 3.71 4.26
CA ARG B 51 -10.87 5.01 4.84
C ARG B 51 -11.46 4.85 6.24
N PRO B 52 -11.27 5.83 7.13
CA PRO B 52 -10.52 7.09 6.94
C PRO B 52 -9.01 6.89 6.95
N THR B 53 -8.29 7.69 6.18
CA THR B 53 -6.85 7.65 6.24
C THR B 53 -6.35 8.53 7.39
N PRO B 54 -5.23 8.18 8.01
CA PRO B 54 -4.76 8.92 9.17
C PRO B 54 -4.17 10.27 8.79
N LEU B 55 -4.11 11.15 9.78
CA LEU B 55 -3.38 12.42 9.70
C LEU B 55 -2.14 12.27 10.56
N TYR B 56 -0.98 12.16 9.92
CA TYR B 56 0.26 11.75 10.57
C TYR B 56 1.12 12.97 10.89
N PHE B 57 1.51 13.09 12.17
CA PHE B 57 2.44 14.15 12.58
C PHE B 57 3.85 13.72 12.20
N ALA B 58 4.46 14.42 11.25
CA ALA B 58 5.80 14.12 10.78
C ALA B 58 6.80 14.82 11.69
N ARG B 59 7.21 14.14 12.76
CA ARG B 59 8.00 14.76 13.80
C ARG B 59 9.35 15.24 13.28
N ARG B 60 10.09 14.36 12.58
CA ARG B 60 11.41 14.74 12.10
C ARG B 60 11.33 15.85 11.06
N LEU B 61 10.33 15.77 10.17
CA LEU B 61 10.12 16.83 9.20
C LEU B 61 9.71 18.14 9.87
N SER B 62 8.87 18.04 10.91
CA SER B 62 8.47 19.22 11.66
C SER B 62 9.67 19.89 12.32
N GLU B 63 10.62 19.08 12.81
CA GLU B 63 11.80 19.63 13.46
C GLU B 63 12.70 20.36 12.47
N LYS B 64 12.78 19.86 11.23
CA LYS B 64 13.68 20.45 10.25
C LYS B 64 13.25 21.86 9.87
N TYR B 65 11.95 22.12 9.81
CA TYR B 65 11.42 23.40 9.34
C TYR B 65 10.89 24.27 10.46
N GLY B 66 11.04 23.86 11.71
CA GLY B 66 10.49 24.61 12.82
C GLY B 66 8.99 24.77 12.79
N ALA B 67 8.29 23.89 12.10
CA ALA B 67 6.84 23.94 11.95
C ALA B 67 6.21 22.69 12.56
N ARG B 68 4.88 22.60 12.45
CA ARG B 68 4.12 21.41 12.82
C ARG B 68 3.51 20.87 11.53
N VAL B 69 4.19 19.91 10.91
CA VAL B 69 3.82 19.38 9.61
C VAL B 69 3.02 18.10 9.79
N TYR B 70 1.82 18.05 9.19
CA TYR B 70 0.97 16.88 9.21
C TYR B 70 0.78 16.36 7.79
N LEU B 71 0.83 15.05 7.62
CA LEU B 71 0.63 14.42 6.32
C LEU B 71 -0.71 13.70 6.33
N LYS B 72 -1.57 14.03 5.38
CA LYS B 72 -2.78 13.27 5.13
C LYS B 72 -2.41 12.05 4.28
N ARG B 73 -2.58 10.86 4.85
CA ARG B 73 -1.94 9.64 4.33
C ARG B 73 -2.83 8.94 3.30
N GLU B 74 -3.05 9.61 2.17
CA GLU B 74 -3.75 8.96 1.07
C GLU B 74 -2.92 7.84 0.45
N ASP B 75 -1.61 7.82 0.70
CA ASP B 75 -0.74 6.72 0.27
C ASP B 75 -1.10 5.38 0.90
N LEU B 76 -1.90 5.36 1.96
CA LEU B 76 -2.26 4.11 2.63
C LEU B 76 -3.54 3.49 2.07
N LEU B 77 -4.18 4.12 1.08
CA LEU B 77 -5.35 3.55 0.46
C LEU B 77 -4.98 2.32 -0.37
N HIS B 78 -5.95 1.42 -0.51
CA HIS B 78 -5.85 0.33 -1.48
C HIS B 78 -5.49 0.90 -2.85
N THR B 79 -4.50 0.27 -3.50
CA THR B 79 -3.83 0.63 -4.74
C THR B 79 -2.79 1.75 -4.54
N GLY B 80 -2.79 2.44 -3.40
CA GLY B 80 -1.70 3.35 -3.06
C GLY B 80 -1.85 4.78 -3.50
N ALA B 81 -3.07 5.24 -3.84
CA ALA B 81 -3.25 6.63 -4.26
C ALA B 81 -4.71 7.01 -4.08
N HIS B 82 -4.95 8.33 -4.02
CA HIS B 82 -6.30 8.86 -3.89
C HIS B 82 -7.22 8.50 -5.05
N LYS B 83 -6.66 8.02 -6.17
CA LYS B 83 -7.48 7.71 -7.34
C LYS B 83 -8.56 6.69 -7.04
N ILE B 84 -8.36 5.85 -6.02
CA ILE B 84 -9.32 4.79 -5.74
C ILE B 84 -10.65 5.36 -5.26
N ASN B 85 -10.63 6.51 -4.56
CA ASN B 85 -11.88 7.14 -4.11
C ASN B 85 -12.81 7.38 -5.29
N ASN B 86 -12.28 8.01 -6.34
CA ASN B 86 -13.08 8.35 -7.51
C ASN B 86 -13.45 7.12 -8.31
N ALA B 87 -12.51 6.18 -8.48
CA ALA B 87 -12.75 5.01 -9.33
C ALA B 87 -13.84 4.12 -8.75
N ILE B 88 -13.85 3.92 -7.43
CA ILE B 88 -14.91 3.13 -6.81
C ILE B 88 -16.27 3.78 -7.05
N GLY B 89 -16.34 5.10 -6.83
CA GLY B 89 -17.63 5.78 -6.94
C GLY B 89 -18.18 5.78 -8.34
N GLN B 90 -17.31 5.99 -9.34
CA GLN B 90 -17.77 6.05 -10.71
C GLN B 90 -18.14 4.68 -11.26
N VAL B 91 -17.37 3.64 -10.90
CA VAL B 91 -17.75 2.31 -11.36
C VAL B 91 -19.03 1.85 -10.67
N LEU B 92 -19.28 2.30 -9.44
CA LEU B 92 -20.55 2.02 -8.79
C LEU B 92 -21.69 2.69 -9.53
N LEU B 93 -21.51 3.97 -9.87
CA LEU B 93 -22.49 4.67 -10.71
C LEU B 93 -22.69 3.95 -12.04
N ALA B 94 -21.59 3.49 -12.66
CA ALA B 94 -21.70 2.76 -13.92
C ALA B 94 -22.54 1.50 -13.75
N LYS B 95 -22.37 0.80 -12.62
CA LYS B 95 -23.16 -0.39 -12.34
C LYS B 95 -24.64 -0.06 -12.26
N LEU B 96 -25.00 0.94 -11.46
CA LEU B 96 -26.39 1.30 -11.28
C LEU B 96 -27.01 1.85 -12.56
N MET B 97 -26.20 2.36 -13.49
CA MET B 97 -26.71 2.80 -14.78
C MET B 97 -26.88 1.66 -15.77
N GLY B 98 -26.45 0.45 -15.42
CA GLY B 98 -26.56 -0.69 -16.31
C GLY B 98 -25.45 -0.83 -17.32
N LYS B 99 -24.35 -0.09 -17.18
CA LYS B 99 -23.22 -0.27 -18.06
C LYS B 99 -22.49 -1.57 -17.74
N THR B 100 -21.82 -2.12 -18.75
CA THR B 100 -21.10 -3.38 -18.59
C THR B 100 -19.62 -3.27 -18.89
N ARG B 101 -19.15 -2.11 -19.33
CA ARG B 101 -17.78 -1.93 -19.79
C ARG B 101 -17.26 -0.60 -19.25
N ILE B 102 -16.00 -0.57 -18.86
CA ILE B 102 -15.35 0.61 -18.32
C ILE B 102 -14.16 0.96 -19.21
N THR B 103 -13.97 2.26 -19.46
CA THR B 103 -12.79 2.71 -20.18
C THR B 103 -12.24 3.97 -19.52
N ALA B 104 -10.93 4.16 -19.67
CA ALA B 104 -10.24 5.31 -19.09
C ALA B 104 -8.86 5.44 -19.73
N GLY B 105 -8.20 6.56 -19.45
CA GLY B 105 -6.81 6.75 -19.80
C GLY B 105 -5.99 6.97 -18.54
N THR B 106 -4.68 6.77 -18.61
CA THR B 106 -3.87 6.88 -17.41
C THR B 106 -2.48 7.35 -17.74
N GLY B 107 -1.86 8.05 -16.78
CA GLY B 107 -0.52 8.56 -16.95
C GLY B 107 0.48 7.83 -16.07
N ALA B 108 0.44 8.11 -14.77
CA ALA B 108 1.27 7.38 -13.81
C ALA B 108 0.82 5.93 -13.63
N GLY B 109 -0.29 5.53 -14.26
CA GLY B 109 -0.85 4.21 -14.05
C GLY B 109 -1.69 4.08 -12.81
N GLN B 110 -1.69 5.06 -11.90
CA GLN B 110 -2.49 4.95 -10.68
C GLN B 110 -3.97 4.94 -11.00
N HIS B 111 -4.42 5.78 -11.94
CA HIS B 111 -5.84 5.77 -12.30
C HIS B 111 -6.20 4.52 -13.07
N GLY B 112 -5.33 4.07 -13.98
CA GLY B 112 -5.58 2.83 -14.69
C GLY B 112 -5.72 1.65 -13.74
N VAL B 113 -4.84 1.55 -12.75
CA VAL B 113 -4.91 0.46 -11.78
C VAL B 113 -6.13 0.62 -10.90
N ALA B 114 -6.42 1.84 -10.44
CA ALA B 114 -7.59 2.06 -9.61
C ALA B 114 -8.87 1.73 -10.37
N THR B 115 -8.92 2.06 -11.65
CA THR B 115 -10.11 1.79 -12.46
C THR B 115 -10.27 0.29 -12.70
N ALA B 116 -9.17 -0.38 -13.05
CA ALA B 116 -9.21 -1.84 -13.24
C ALA B 116 -9.57 -2.55 -11.94
N THR B 117 -9.05 -2.03 -10.82
CA THR B 117 -9.38 -2.58 -9.52
C THR B 117 -10.88 -2.51 -9.25
N ALA B 118 -11.47 -1.33 -9.49
CA ALA B 118 -12.90 -1.17 -9.26
C ALA B 118 -13.72 -2.02 -10.23
N ALA B 119 -13.26 -2.13 -11.47
CA ALA B 119 -13.96 -2.96 -12.45
C ALA B 119 -13.94 -4.43 -12.04
N ALA B 120 -12.81 -4.90 -11.49
CA ALA B 120 -12.75 -6.26 -10.99
C ALA B 120 -13.72 -6.45 -9.83
N LEU B 121 -13.72 -5.50 -8.89
CA LEU B 121 -14.60 -5.58 -7.73
C LEU B 121 -16.06 -5.69 -8.15
N PHE B 122 -16.45 -4.96 -9.19
CA PHE B 122 -17.84 -4.96 -9.65
C PHE B 122 -18.07 -5.90 -10.82
N GLY B 123 -17.07 -6.70 -11.20
CA GLY B 123 -17.23 -7.66 -12.27
C GLY B 123 -17.55 -7.06 -13.62
N MET B 124 -16.78 -6.06 -14.06
CA MET B 124 -17.02 -5.41 -15.33
C MET B 124 -15.82 -5.58 -16.25
N GLU B 125 -16.10 -5.46 -17.56
CA GLU B 125 -15.04 -5.39 -18.55
C GLU B 125 -14.32 -4.05 -18.44
N CYS B 126 -12.99 -4.08 -18.60
CA CYS B 126 -12.19 -2.87 -18.43
C CYS B 126 -11.18 -2.75 -19.56
N VAL B 127 -11.06 -1.56 -20.13
CA VAL B 127 -10.06 -1.26 -21.17
C VAL B 127 -9.38 0.05 -20.81
N ILE B 128 -8.06 0.01 -20.62
CA ILE B 128 -7.28 1.15 -20.19
C ILE B 128 -6.33 1.56 -21.31
N TYR B 129 -6.22 2.87 -21.55
CA TYR B 129 -5.30 3.42 -22.54
C TYR B 129 -4.16 4.14 -21.82
N MET B 130 -2.94 3.88 -22.26
CA MET B 130 -1.75 4.40 -21.61
C MET B 130 -0.72 4.83 -22.65
N GLY B 131 -0.08 5.97 -22.41
CA GLY B 131 0.98 6.40 -23.31
C GLY B 131 2.16 5.44 -23.29
N GLU B 132 2.79 5.29 -24.46
CA GLU B 132 3.90 4.34 -24.58
C GLU B 132 5.05 4.70 -23.67
N GLU B 133 5.32 5.99 -23.49
CA GLU B 133 6.41 6.39 -22.60
C GLU B 133 6.12 5.99 -21.16
N ASP B 134 4.90 6.22 -20.68
CA ASP B 134 4.53 5.85 -19.32
C ASP B 134 4.42 4.34 -19.14
N THR B 135 4.26 3.59 -20.23
CA THR B 135 4.31 2.14 -20.15
C THR B 135 5.68 1.66 -19.66
N ILE B 136 6.74 2.33 -20.10
CA ILE B 136 8.09 1.93 -19.71
C ILE B 136 8.54 2.57 -18.40
N ARG B 137 7.99 3.74 -18.05
CA ARG B 137 8.38 4.44 -16.83
C ARG B 137 7.54 4.06 -15.62
N GLN B 138 6.34 3.51 -15.83
CA GLN B 138 5.51 3.03 -14.73
C GLN B 138 5.15 1.57 -14.99
N LYS B 139 6.16 0.74 -15.27
CA LYS B 139 5.93 -0.64 -15.66
C LYS B 139 5.30 -1.47 -14.54
N LEU B 140 5.51 -1.08 -13.27
CA LEU B 140 4.90 -1.82 -12.17
C LEU B 140 3.37 -1.75 -12.25
N ASN B 141 2.83 -0.61 -12.68
CA ASN B 141 1.39 -0.47 -12.80
C ASN B 141 0.82 -1.18 -14.02
N VAL B 142 1.64 -1.40 -15.05
CA VAL B 142 1.17 -2.15 -16.22
C VAL B 142 0.95 -3.61 -15.86
N GLU B 143 1.81 -4.17 -15.00
CA GLU B 143 1.62 -5.56 -14.61
C GLU B 143 0.38 -5.72 -13.73
N ARG B 144 0.21 -4.82 -12.76
CA ARG B 144 -0.96 -4.88 -11.90
C ARG B 144 -2.24 -4.91 -12.71
N MET B 145 -2.35 -4.05 -13.73
CA MET B 145 -3.57 -3.94 -14.51
C MET B 145 -3.88 -5.24 -15.24
N LYS B 146 -2.85 -5.96 -15.71
CA LYS B 146 -3.06 -7.21 -16.43
C LYS B 146 -3.66 -8.27 -15.52
N LEU B 147 -3.12 -8.43 -14.32
CA LEU B 147 -3.64 -9.45 -13.42
C LEU B 147 -5.04 -9.10 -12.92
N LEU B 148 -5.38 -7.82 -12.87
CA LEU B 148 -6.73 -7.43 -12.47
C LEU B 148 -7.78 -7.71 -13.54
N GLY B 149 -7.36 -8.17 -14.72
CA GLY B 149 -8.29 -8.52 -15.78
C GLY B 149 -8.58 -7.45 -16.80
N ALA B 150 -7.86 -6.33 -16.78
CA ALA B 150 -8.09 -5.25 -17.72
C ALA B 150 -7.21 -5.39 -18.96
N LYS B 151 -7.69 -4.84 -20.07
CA LYS B 151 -6.90 -4.74 -21.29
C LYS B 151 -6.20 -3.39 -21.32
N VAL B 152 -4.89 -3.40 -21.57
CA VAL B 152 -4.07 -2.18 -21.58
C VAL B 152 -3.62 -1.93 -23.01
N VAL B 153 -4.07 -0.81 -23.58
CA VAL B 153 -3.76 -0.45 -24.97
C VAL B 153 -2.71 0.66 -24.93
N PRO B 154 -1.48 0.41 -25.39
CA PRO B 154 -0.47 1.47 -25.42
C PRO B 154 -0.71 2.44 -26.56
N VAL B 155 -0.39 3.70 -26.30
CA VAL B 155 -0.63 4.79 -27.24
C VAL B 155 0.70 5.37 -27.68
N LYS B 156 1.00 5.24 -28.97
CA LYS B 156 2.23 5.76 -29.55
C LYS B 156 2.02 7.12 -30.21
N SER B 157 0.78 7.60 -30.28
CA SER B 157 0.49 8.88 -30.92
C SER B 157 0.93 10.05 -30.05
N GLY B 158 1.24 11.17 -30.72
CA GLY B 158 1.58 12.39 -30.01
C GLY B 158 2.83 12.24 -29.16
N SER B 159 2.80 12.87 -27.98
CA SER B 159 3.90 12.77 -27.03
C SER B 159 3.93 11.45 -26.27
N ARG B 160 3.01 10.53 -26.57
CA ARG B 160 2.96 9.20 -25.95
C ARG B 160 2.84 9.29 -24.43
N THR B 161 2.08 10.26 -23.96
CA THR B 161 1.85 10.43 -22.53
C THR B 161 0.35 10.57 -22.27
N LEU B 162 0.01 11.16 -21.12
CA LEU B 162 -1.36 11.15 -20.63
C LEU B 162 -2.32 11.79 -21.63
N LYS B 163 -1.97 12.97 -22.17
CA LYS B 163 -2.88 13.68 -23.06
C LYS B 163 -3.35 12.79 -24.21
N ASP B 164 -2.42 12.06 -24.84
CA ASP B 164 -2.77 11.21 -25.97
C ASP B 164 -3.57 9.99 -25.52
N ALA B 165 -3.28 9.45 -24.33
CA ALA B 165 -4.05 8.34 -23.83
C ALA B 165 -5.51 8.74 -23.60
N ILE B 166 -5.74 9.92 -23.05
CA ILE B 166 -7.11 10.39 -22.81
C ILE B 166 -7.84 10.57 -24.13
N ASP B 167 -7.15 11.12 -25.14
CA ASP B 167 -7.72 11.26 -26.47
C ASP B 167 -8.24 9.91 -26.98
N GLU B 168 -7.42 8.86 -26.87
CA GLU B 168 -7.82 7.54 -27.33
C GLU B 168 -8.98 6.98 -26.50
N ALA B 169 -8.95 7.20 -25.19
CA ALA B 169 -10.03 6.72 -24.33
C ALA B 169 -11.35 7.41 -24.69
N LEU B 170 -11.30 8.72 -24.96
CA LEU B 170 -12.51 9.42 -25.37
C LEU B 170 -13.00 8.92 -26.72
N ARG B 171 -12.07 8.65 -27.65
CA ARG B 171 -12.46 8.04 -28.91
C ARG B 171 -13.09 6.67 -28.68
N ASP B 172 -12.56 5.91 -27.72
CA ASP B 172 -13.16 4.62 -27.38
C ASP B 172 -14.57 4.80 -26.85
N TRP B 173 -14.76 5.76 -25.94
CA TRP B 173 -16.09 6.00 -25.37
C TRP B 173 -17.10 6.37 -26.44
N ILE B 174 -16.71 7.24 -27.37
CA ILE B 174 -17.64 7.73 -28.39
C ILE B 174 -18.16 6.58 -29.25
N THR B 175 -17.30 5.60 -29.55
CA THR B 175 -17.68 4.47 -30.39
C THR B 175 -18.27 3.30 -29.61
N ASN B 176 -18.42 3.43 -28.30
CA ASN B 176 -19.01 2.39 -27.44
C ASN B 176 -19.99 3.02 -26.45
N LEU B 177 -20.75 4.03 -26.91
CA LEU B 177 -21.56 4.83 -26.00
C LEU B 177 -22.67 4.04 -25.30
N GLN B 178 -23.06 2.90 -25.85
CA GLN B 178 -24.20 2.19 -25.29
C GLN B 178 -23.82 1.31 -24.10
N THR B 179 -22.63 0.72 -24.12
CA THR B 179 -22.23 -0.25 -23.10
C THR B 179 -21.14 0.26 -22.16
N THR B 180 -20.48 1.36 -22.49
CA THR B 180 -19.24 1.76 -21.83
C THR B 180 -19.44 3.04 -21.04
N TYR B 181 -18.92 3.04 -19.80
CA TYR B 181 -18.85 4.22 -18.96
C TYR B 181 -17.40 4.72 -18.95
N TYR B 182 -17.21 5.99 -19.25
CA TYR B 182 -15.88 6.59 -19.27
C TYR B 182 -15.55 7.14 -17.89
N VAL B 183 -14.42 6.71 -17.33
CA VAL B 183 -14.03 7.14 -16.00
C VAL B 183 -12.86 8.12 -16.10
N PRO B 184 -13.10 9.42 -15.99
CA PRO B 184 -11.97 10.36 -15.94
C PRO B 184 -11.19 10.19 -14.65
N GLY B 185 -9.89 10.41 -14.73
CA GLY B 185 -9.04 10.30 -13.57
C GLY B 185 -8.84 11.56 -12.79
N SER B 186 -9.37 12.69 -13.26
CA SER B 186 -9.16 13.96 -12.59
C SER B 186 -10.40 14.83 -12.78
N VAL B 187 -10.32 16.08 -12.30
CA VAL B 187 -11.46 16.99 -12.35
C VAL B 187 -11.44 17.78 -13.65
N VAL B 188 -10.98 17.13 -14.72
CA VAL B 188 -10.98 17.71 -16.06
C VAL B 188 -11.98 16.95 -16.90
N GLY B 189 -12.68 17.66 -17.78
CA GLY B 189 -13.65 17.04 -18.64
C GLY B 189 -14.95 17.81 -18.67
N PRO B 190 -15.88 17.37 -19.51
CA PRO B 190 -17.16 18.06 -19.63
C PRO B 190 -18.03 17.83 -18.40
N HIS B 191 -18.82 18.84 -18.06
CA HIS B 191 -19.83 18.68 -17.04
C HIS B 191 -20.69 17.46 -17.37
N PRO B 192 -21.05 16.63 -16.38
CA PRO B 192 -20.88 16.79 -14.94
C PRO B 192 -19.61 16.18 -14.34
N TYR B 193 -18.65 15.75 -15.15
CA TYR B 193 -17.51 15.00 -14.62
C TYR B 193 -16.70 15.77 -13.58
N PRO B 194 -16.35 17.05 -13.77
CA PRO B 194 -15.58 17.72 -12.72
C PRO B 194 -16.28 17.77 -11.37
N ILE B 195 -17.61 17.95 -11.35
CA ILE B 195 -18.35 17.93 -10.10
C ILE B 195 -18.36 16.53 -9.50
N ILE B 196 -18.59 15.52 -10.33
CA ILE B 196 -18.67 14.15 -9.84
C ILE B 196 -17.34 13.74 -9.19
N VAL B 197 -16.22 14.01 -9.87
CA VAL B 197 -14.93 13.61 -9.34
C VAL B 197 -14.62 14.35 -8.05
N ARG B 198 -14.89 15.66 -8.03
CA ARG B 198 -14.63 16.44 -6.83
C ARG B 198 -15.50 15.97 -5.67
N ASN B 199 -16.75 15.62 -5.95
CA ASN B 199 -17.64 15.18 -4.88
C ASN B 199 -17.26 13.80 -4.36
N PHE B 200 -16.51 13.01 -5.13
CA PHE B 200 -15.97 11.77 -4.58
C PHE B 200 -14.67 12.00 -3.82
N GLN B 201 -13.91 13.02 -4.20
CA GLN B 201 -12.62 13.25 -3.55
C GLN B 201 -12.71 14.15 -2.33
N LYS B 202 -13.81 14.89 -2.15
CA LYS B 202 -13.86 15.82 -1.03
C LYS B 202 -13.91 15.10 0.32
N VAL B 203 -14.07 13.78 0.34
CA VAL B 203 -13.95 13.04 1.59
C VAL B 203 -12.58 13.26 2.22
N ILE B 204 -11.56 13.53 1.41
CA ILE B 204 -10.23 13.83 1.95
C ILE B 204 -10.28 15.04 2.87
N GLY B 205 -10.84 16.14 2.38
CA GLY B 205 -10.91 17.34 3.19
C GLY B 205 -11.90 17.25 4.33
N GLU B 206 -13.02 16.55 4.14
CA GLU B 206 -13.98 16.42 5.23
C GLU B 206 -13.39 15.63 6.38
N GLU B 207 -12.61 14.58 6.08
CA GLU B 207 -11.88 13.88 7.13
C GLU B 207 -10.83 14.80 7.76
N THR B 208 -10.03 15.48 6.93
CA THR B 208 -9.00 16.37 7.46
C THR B 208 -9.59 17.42 8.39
N LYS B 209 -10.74 17.98 8.02
CA LYS B 209 -11.38 19.00 8.85
C LYS B 209 -11.80 18.45 10.20
N LYS B 210 -12.11 17.16 10.27
CA LYS B 210 -12.45 16.55 11.55
C LYS B 210 -11.22 16.16 12.35
N GLN B 211 -10.12 15.82 11.67
CA GLN B 211 -8.94 15.30 12.35
C GLN B 211 -8.04 16.38 12.90
N ILE B 212 -7.86 17.48 12.17
CA ILE B 212 -6.88 18.50 12.57
C ILE B 212 -7.25 19.17 13.90
N PRO B 213 -8.53 19.37 14.27
CA PRO B 213 -8.78 19.96 15.60
C PRO B 213 -8.41 19.04 16.74
N GLU B 214 -8.46 17.72 16.55
CA GLU B 214 -8.02 16.80 17.61
C GLU B 214 -6.51 16.76 17.76
N LYS B 215 -5.76 17.35 16.82
CA LYS B 215 -4.31 17.43 16.91
C LYS B 215 -3.82 18.82 17.30
N GLU B 216 -4.55 19.88 16.96
CA GLU B 216 -4.08 21.24 17.20
C GLU B 216 -5.13 22.17 17.77
N GLY B 217 -6.38 21.76 17.91
CA GLY B 217 -7.40 22.63 18.46
C GLY B 217 -7.81 23.81 17.61
N ARG B 218 -7.36 23.86 16.36
CA ARG B 218 -7.70 24.94 15.45
C ARG B 218 -7.46 24.47 14.03
N LEU B 219 -7.85 25.32 13.08
CA LEU B 219 -7.57 25.05 11.69
C LEU B 219 -6.09 25.30 11.40
N PRO B 220 -5.52 24.61 10.41
CA PRO B 220 -4.12 24.83 10.07
C PRO B 220 -3.92 26.19 9.42
N ASP B 221 -2.66 26.62 9.39
CA ASP B 221 -2.31 27.84 8.68
C ASP B 221 -2.23 27.60 7.17
N TYR B 222 -1.74 26.43 6.76
CA TYR B 222 -1.57 26.08 5.36
C TYR B 222 -2.07 24.67 5.10
N ILE B 223 -2.64 24.47 3.92
CA ILE B 223 -2.86 23.14 3.35
C ILE B 223 -2.25 23.15 1.96
N VAL B 224 -1.36 22.20 1.69
CA VAL B 224 -0.59 22.15 0.44
C VAL B 224 -0.86 20.83 -0.27
N ALA B 225 -1.09 20.91 -1.58
CA ALA B 225 -1.34 19.71 -2.38
C ALA B 225 -0.86 19.95 -3.80
N CYS B 226 -0.39 18.89 -4.45
CA CYS B 226 0.07 19.01 -5.83
C CYS B 226 -1.12 19.08 -6.77
N VAL B 227 -0.93 19.73 -7.92
CA VAL B 227 -2.00 20.01 -8.86
C VAL B 227 -1.51 19.72 -10.27
N SER B 228 -2.16 18.77 -10.95
CA SER B 228 -2.07 18.68 -12.40
C SER B 228 -3.45 18.90 -12.97
N GLY B 229 -4.22 17.82 -13.14
CA GLY B 229 -5.65 17.97 -13.34
C GLY B 229 -6.32 18.60 -12.14
N GLY B 230 -5.98 18.14 -10.95
CA GLY B 230 -6.37 18.79 -9.71
C GLY B 230 -7.33 18.04 -8.80
N SER B 231 -7.45 16.72 -8.91
CA SER B 231 -8.48 16.03 -8.13
C SER B 231 -8.10 15.85 -6.67
N ASN B 232 -6.83 15.51 -6.36
CA ASN B 232 -6.48 15.36 -4.95
C ASN B 232 -6.49 16.70 -4.22
N ALA B 233 -6.04 17.76 -4.90
CA ALA B 233 -6.09 19.10 -4.30
C ALA B 233 -7.53 19.57 -4.12
N ALA B 234 -8.38 19.38 -5.13
CA ALA B 234 -9.78 19.74 -4.98
C ALA B 234 -10.43 18.97 -3.83
N GLY B 235 -10.06 17.70 -3.67
CA GLY B 235 -10.64 16.91 -2.59
C GLY B 235 -10.34 17.49 -1.22
N ILE B 236 -9.08 17.89 -0.98
CA ILE B 236 -8.72 18.39 0.34
C ILE B 236 -9.05 19.88 0.50
N PHE B 237 -9.10 20.64 -0.61
CA PHE B 237 -9.36 22.09 -0.53
C PHE B 237 -10.83 22.40 -0.32
N TYR B 238 -11.72 21.71 -1.05
CA TYR B 238 -13.12 22.14 -1.15
C TYR B 238 -13.80 22.37 0.19
N PRO B 239 -13.69 21.51 1.20
CA PRO B 239 -14.31 21.83 2.50
C PRO B 239 -13.65 22.98 3.23
N PHE B 240 -12.51 23.47 2.75
CA PHE B 240 -11.80 24.57 3.41
C PHE B 240 -11.89 25.88 2.65
N ILE B 241 -12.64 25.93 1.53
CA ILE B 241 -12.74 27.16 0.76
C ILE B 241 -13.40 28.23 1.61
N ASP B 242 -12.81 29.43 1.63
CA ASP B 242 -13.31 30.59 2.37
C ASP B 242 -13.30 30.36 3.88
N SER B 243 -12.37 29.54 4.36
CA SER B 243 -12.25 29.27 5.79
C SER B 243 -11.15 30.08 6.46
N GLY B 244 -10.36 30.83 5.69
CA GLY B 244 -9.22 31.53 6.24
C GLY B 244 -7.92 30.75 6.19
N VAL B 245 -7.98 29.43 5.96
CA VAL B 245 -6.77 28.65 5.75
C VAL B 245 -6.15 29.05 4.42
N LYS B 246 -4.82 29.19 4.41
CA LYS B 246 -4.10 29.43 3.16
C LYS B 246 -4.00 28.11 2.39
N LEU B 247 -4.69 28.02 1.27
CA LEU B 247 -4.70 26.83 0.43
C LEU B 247 -3.75 27.03 -0.74
N ILE B 248 -2.81 26.10 -0.91
CA ILE B 248 -1.73 26.26 -1.89
C ILE B 248 -1.69 25.03 -2.79
N GLY B 249 -2.00 25.24 -4.08
CA GLY B 249 -1.81 24.20 -5.08
C GLY B 249 -0.44 24.36 -5.74
N VAL B 250 0.25 23.25 -5.91
CA VAL B 250 1.62 23.25 -6.44
C VAL B 250 1.63 22.49 -7.75
N GLU B 251 1.89 23.20 -8.84
CA GLU B 251 1.96 22.62 -10.17
C GLU B 251 3.38 22.13 -10.47
N ALA B 252 3.49 21.36 -11.55
CA ALA B 252 4.77 20.80 -11.96
C ALA B 252 5.55 21.86 -12.74
N GLY B 253 6.66 22.32 -12.15
CA GLY B 253 7.52 23.28 -12.83
C GLY B 253 8.50 22.70 -13.82
N GLY B 254 8.67 21.37 -13.81
CA GLY B 254 9.52 20.73 -14.80
C GLY B 254 10.96 21.18 -14.71
N GLU B 255 11.53 21.54 -15.85
CA GLU B 255 12.90 22.05 -15.93
C GLU B 255 12.99 23.54 -15.61
N GLY B 256 11.87 24.17 -15.25
CA GLY B 256 11.84 25.60 -15.01
C GLY B 256 10.72 26.28 -15.78
N LEU B 257 10.01 27.19 -15.11
CA LEU B 257 8.85 27.85 -15.73
C LEU B 257 9.23 28.64 -16.98
N GLU B 258 10.49 29.06 -17.12
CA GLU B 258 10.92 29.83 -18.27
C GLU B 258 11.65 28.97 -19.30
N THR B 259 11.49 27.65 -19.23
CA THR B 259 12.13 26.73 -20.16
C THR B 259 11.17 26.13 -21.19
N GLY B 260 9.87 26.36 -21.05
CA GLY B 260 8.91 25.71 -21.91
C GLY B 260 8.82 24.21 -21.71
N LYS B 261 9.41 23.68 -20.65
CA LYS B 261 9.37 22.24 -20.37
C LYS B 261 8.80 22.07 -18.97
N HIS B 262 7.47 22.08 -18.88
CA HIS B 262 6.78 22.03 -17.60
C HIS B 262 5.33 21.62 -17.86
N ALA B 263 4.52 21.66 -16.81
CA ALA B 263 3.09 21.36 -16.92
C ALA B 263 2.26 22.32 -16.11
N ALA B 264 2.72 23.58 -15.99
CA ALA B 264 2.08 24.56 -15.10
C ALA B 264 1.02 25.32 -15.88
N SER B 265 -0.15 24.67 -16.01
CA SER B 265 -1.22 25.21 -16.84
C SER B 265 -1.80 26.49 -16.25
N LEU B 266 -1.99 26.54 -14.92
CA LEU B 266 -2.58 27.73 -14.31
C LEU B 266 -1.64 28.92 -14.41
N LEU B 267 -0.33 28.70 -14.32
CA LEU B 267 0.63 29.79 -14.30
C LEU B 267 1.11 30.20 -15.70
N LYS B 268 1.20 29.27 -16.65
CA LYS B 268 1.75 29.56 -17.96
C LYS B 268 0.84 29.18 -19.13
N GLY B 269 -0.36 28.67 -18.85
CA GLY B 269 -1.29 28.33 -19.91
C GLY B 269 -2.14 29.51 -20.33
N LYS B 270 -2.97 29.28 -21.35
CA LYS B 270 -3.89 30.28 -21.83
C LYS B 270 -5.29 29.68 -21.87
N ILE B 271 -6.29 30.56 -21.95
CA ILE B 271 -7.67 30.14 -22.03
C ILE B 271 -7.87 29.30 -23.28
N GLY B 272 -8.45 28.11 -23.10
CA GLY B 272 -8.70 27.24 -24.23
C GLY B 272 -9.66 26.13 -23.85
N TYR B 273 -9.80 25.18 -24.76
CA TYR B 273 -10.69 24.04 -24.58
C TYR B 273 -9.87 22.76 -24.63
N LEU B 274 -10.06 21.89 -23.64
CA LEU B 274 -9.34 20.63 -23.60
C LEU B 274 -10.24 19.56 -22.99
N HIS B 275 -10.50 18.50 -23.76
CA HIS B 275 -11.22 17.33 -23.27
C HIS B 275 -12.57 17.70 -22.65
N GLY B 276 -13.21 18.74 -23.19
CA GLY B 276 -14.54 19.13 -22.80
C GLY B 276 -14.64 20.34 -21.89
N SER B 277 -13.53 20.79 -21.33
CA SER B 277 -13.53 21.87 -20.35
C SER B 277 -12.95 23.14 -20.97
N LYS B 278 -13.61 24.26 -20.71
CA LYS B 278 -13.00 25.57 -20.93
C LYS B 278 -12.18 25.89 -19.70
N THR B 279 -10.87 25.96 -19.86
CA THR B 279 -9.96 26.07 -18.73
C THR B 279 -8.63 26.61 -19.25
N PHE B 280 -7.60 26.55 -18.41
CA PHE B 280 -6.26 26.98 -18.83
C PHE B 280 -5.51 25.80 -19.41
N VAL B 281 -4.90 26.02 -20.58
CA VAL B 281 -4.26 24.97 -21.37
C VAL B 281 -2.94 25.53 -21.90
N LEU B 282 -1.89 24.71 -21.83
CA LEU B 282 -0.62 25.08 -22.44
C LEU B 282 -0.78 25.11 -23.95
N GLN B 283 -0.62 26.28 -24.56
CA GLN B 283 -0.77 26.39 -26.00
C GLN B 283 0.15 27.47 -26.55
N ASP B 284 0.36 27.44 -27.86
CA ASP B 284 1.15 28.49 -28.51
C ASP B 284 0.25 29.67 -28.82
N ASP B 285 0.82 30.68 -29.48
CA ASP B 285 0.06 31.89 -29.82
C ASP B 285 -0.97 31.66 -30.91
N TRP B 286 -0.93 30.50 -31.59
CA TRP B 286 -1.89 30.17 -32.63
C TRP B 286 -3.00 29.25 -32.13
N GLY B 287 -3.07 29.01 -30.82
CA GLY B 287 -4.13 28.20 -30.26
C GLY B 287 -3.90 26.71 -30.30
N GLN B 288 -2.69 26.26 -30.62
CA GLN B 288 -2.39 24.83 -30.69
C GLN B 288 -1.88 24.35 -29.33
N VAL B 289 -2.49 23.29 -28.80
CA VAL B 289 -2.06 22.74 -27.53
C VAL B 289 -0.62 22.27 -27.63
N GLN B 290 0.15 22.53 -26.58
CA GLN B 290 1.56 22.13 -26.52
C GLN B 290 1.72 20.93 -25.60
N ALA B 291 2.79 20.17 -25.84
CA ALA B 291 3.12 19.04 -24.99
C ALA B 291 3.63 19.52 -23.63
N SER B 292 3.19 18.85 -22.58
CA SER B 292 3.70 19.14 -21.25
C SER B 292 4.93 18.28 -20.97
N HIS B 293 5.63 18.60 -19.88
CA HIS B 293 6.79 17.82 -19.46
C HIS B 293 6.88 17.84 -17.93
N SER B 294 7.24 16.69 -17.37
CA SER B 294 7.46 16.58 -15.93
C SER B 294 8.20 15.30 -15.64
N VAL B 295 9.09 15.33 -14.64
CA VAL B 295 9.71 14.10 -14.17
C VAL B 295 8.65 13.12 -13.65
N SER B 296 7.51 13.64 -13.21
CA SER B 296 6.41 12.82 -12.70
C SER B 296 5.40 12.59 -13.81
N ALA B 297 5.14 11.31 -14.14
CA ALA B 297 4.18 11.00 -15.18
C ALA B 297 2.76 11.43 -14.79
N GLY B 298 2.44 11.43 -13.50
CA GLY B 298 1.11 11.81 -13.05
C GLY B 298 0.78 13.28 -13.21
N LEU B 299 1.80 14.13 -13.30
CA LEU B 299 1.60 15.56 -13.47
C LEU B 299 1.82 16.01 -14.91
N ASP B 300 2.17 15.08 -15.81
CA ASP B 300 2.52 15.41 -17.19
C ASP B 300 1.27 15.54 -18.03
N TYR B 301 0.60 16.69 -17.90
CA TYR B 301 -0.69 16.94 -18.55
C TYR B 301 -0.83 18.43 -18.82
N PRO B 302 -1.25 18.84 -20.03
CA PRO B 302 -1.20 20.25 -20.40
C PRO B 302 -2.38 21.10 -19.93
N GLY B 303 -3.38 20.52 -19.26
CA GLY B 303 -4.52 21.27 -18.79
C GLY B 303 -4.65 21.24 -17.27
N VAL B 304 -5.74 21.83 -16.80
CA VAL B 304 -6.06 21.88 -15.37
C VAL B 304 -7.58 21.92 -15.24
N GLY B 305 -8.09 21.41 -14.14
CA GLY B 305 -9.50 21.41 -13.87
C GLY B 305 -10.07 22.82 -13.80
N PRO B 306 -11.27 23.00 -14.35
CA PRO B 306 -11.86 24.36 -14.38
C PRO B 306 -12.18 24.92 -13.00
N GLU B 307 -12.44 24.07 -12.00
CA GLU B 307 -12.68 24.59 -10.65
C GLU B 307 -11.43 25.26 -10.09
N HIS B 308 -10.25 24.80 -10.48
CA HIS B 308 -9.01 25.44 -10.05
C HIS B 308 -8.77 26.75 -10.79
N ALA B 309 -9.10 26.79 -12.08
CA ALA B 309 -9.08 28.08 -12.78
C ALA B 309 -9.96 29.09 -12.07
N TYR B 310 -11.16 28.68 -11.68
CA TYR B 310 -12.07 29.59 -10.97
C TYR B 310 -11.53 29.96 -9.59
N TRP B 311 -10.97 28.99 -8.86
CA TRP B 311 -10.42 29.27 -7.54
C TRP B 311 -9.23 30.22 -7.63
N ARG B 312 -8.40 30.06 -8.66
CA ARG B 312 -7.27 30.97 -8.81
C ARG B 312 -7.75 32.38 -9.14
N GLU B 313 -8.71 32.51 -10.05
CA GLU B 313 -9.15 33.83 -10.47
C GLU B 313 -9.81 34.58 -9.32
N THR B 314 -10.62 33.90 -8.51
CA THR B 314 -11.28 34.53 -7.37
C THR B 314 -10.40 34.58 -6.13
N GLY B 315 -9.16 34.09 -6.20
CA GLY B 315 -8.24 34.19 -5.08
C GLY B 315 -8.50 33.25 -3.91
N LYS B 316 -9.40 32.27 -4.07
CA LYS B 316 -9.71 31.37 -2.96
C LYS B 316 -8.62 30.33 -2.72
N VAL B 317 -7.78 30.07 -3.72
CA VAL B 317 -6.64 29.18 -3.60
C VAL B 317 -5.45 29.85 -4.27
N LEU B 318 -4.26 29.69 -3.70
CA LEU B 318 -3.03 30.20 -4.28
C LEU B 318 -2.30 29.09 -5.00
N TYR B 319 -1.64 29.44 -6.11
CA TYR B 319 -0.99 28.44 -6.94
C TYR B 319 0.44 28.84 -7.23
N ASP B 320 1.33 27.85 -7.23
CA ASP B 320 2.74 28.02 -7.52
C ASP B 320 3.27 26.71 -8.11
N ALA B 321 4.57 26.66 -8.35
CA ALA B 321 5.18 25.48 -8.94
C ALA B 321 6.53 25.21 -8.28
N VAL B 322 6.99 23.95 -8.41
CA VAL B 322 8.35 23.57 -8.05
C VAL B 322 8.91 22.76 -9.21
N THR B 323 10.24 22.75 -9.30
CA THR B 323 10.92 22.12 -10.42
C THR B 323 11.06 20.62 -10.21
N ASP B 324 11.45 19.93 -11.28
CA ASP B 324 11.74 18.50 -11.21
C ASP B 324 12.78 18.19 -10.14
N GLU B 325 13.84 19.01 -10.08
CA GLU B 325 14.91 18.73 -9.13
C GLU B 325 14.45 18.95 -7.69
N GLU B 326 13.63 19.98 -7.46
CA GLU B 326 13.10 20.19 -6.12
C GLU B 326 12.19 19.05 -5.70
N ALA B 327 11.42 18.49 -6.65
CA ALA B 327 10.57 17.34 -6.33
C ALA B 327 11.39 16.12 -5.95
N LEU B 328 12.47 15.85 -6.71
CA LEU B 328 13.31 14.70 -6.42
C LEU B 328 13.96 14.84 -5.05
N ASP B 329 14.38 16.05 -4.68
CA ASP B 329 14.95 16.28 -3.36
C ASP B 329 13.95 15.95 -2.26
N ALA B 330 12.69 16.39 -2.41
CA ALA B 330 11.68 16.10 -1.40
C ALA B 330 11.34 14.61 -1.37
N PHE B 331 11.39 13.93 -2.52
CA PHE B 331 11.20 12.49 -2.58
C PHE B 331 12.22 11.77 -1.71
N ILE B 332 13.50 12.10 -1.87
CA ILE B 332 14.55 11.46 -1.08
C ILE B 332 14.45 11.86 0.38
N GLU B 333 14.08 13.13 0.64
CA GLU B 333 14.05 13.65 2.00
C GLU B 333 13.02 12.91 2.86
N LEU B 334 11.79 12.76 2.34
CA LEU B 334 10.77 12.07 3.13
C LEU B 334 11.12 10.60 3.34
N SER B 335 11.76 9.98 2.36
CA SER B 335 12.18 8.59 2.48
C SER B 335 13.18 8.43 3.62
N ARG B 336 14.20 9.28 3.65
CA ARG B 336 15.24 9.19 4.67
C ARG B 336 14.74 9.63 6.04
N LEU B 337 13.98 10.73 6.09
CA LEU B 337 13.64 11.35 7.36
C LEU B 337 12.47 10.67 8.05
N GLU B 338 11.47 10.23 7.28
CA GLU B 338 10.27 9.65 7.88
C GLU B 338 10.04 8.19 7.52
N GLY B 339 10.86 7.59 6.67
CA GLY B 339 10.58 6.25 6.21
C GLY B 339 9.34 6.13 5.34
N ILE B 340 8.90 7.22 4.73
CA ILE B 340 7.74 7.21 3.85
C ILE B 340 8.24 7.53 2.45
N ILE B 341 8.03 6.62 1.51
CA ILE B 341 8.43 6.86 0.12
C ILE B 341 7.23 7.46 -0.60
N PRO B 342 7.23 8.76 -0.89
CA PRO B 342 6.07 9.41 -1.47
C PRO B 342 6.04 9.28 -2.99
N ALA B 343 4.84 9.38 -3.55
CA ALA B 343 4.75 9.51 -4.99
C ALA B 343 5.50 10.75 -5.45
N LEU B 344 6.07 10.67 -6.66
CA LEU B 344 6.75 11.82 -7.23
C LEU B 344 5.79 12.98 -7.45
N GLU B 345 4.52 12.70 -7.68
CA GLU B 345 3.50 13.75 -7.76
C GLU B 345 3.43 14.51 -6.43
N SER B 346 3.17 13.78 -5.34
CA SER B 346 3.07 14.38 -4.02
C SER B 346 4.34 15.09 -3.61
N SER B 347 5.49 14.64 -4.14
CA SER B 347 6.76 15.25 -3.76
C SER B 347 6.81 16.72 -4.13
N HIS B 348 6.05 17.12 -5.14
CA HIS B 348 5.98 18.53 -5.49
C HIS B 348 5.37 19.35 -4.35
N ALA B 349 4.35 18.80 -3.70
CA ALA B 349 3.78 19.49 -2.54
C ALA B 349 4.76 19.52 -1.36
N LEU B 350 5.46 18.41 -1.13
CA LEU B 350 6.44 18.37 -0.03
C LEU B 350 7.59 19.32 -0.28
N ALA B 351 8.01 19.47 -1.54
CA ALA B 351 9.11 20.38 -1.85
C ALA B 351 8.75 21.82 -1.55
N TYR B 352 7.45 22.16 -1.56
CA TYR B 352 7.05 23.53 -1.31
C TYR B 352 7.20 23.93 0.15
N LEU B 353 7.43 22.98 1.06
CA LEU B 353 7.71 23.32 2.44
C LEU B 353 8.95 24.21 2.57
N LYS B 354 9.85 24.17 1.58
CA LYS B 354 11.07 24.96 1.56
C LYS B 354 10.86 26.34 0.95
N LYS B 355 9.66 26.66 0.47
CA LYS B 355 9.42 27.87 -0.29
C LYS B 355 8.52 28.87 0.41
N ILE B 356 8.05 28.57 1.62
CA ILE B 356 7.25 29.50 2.41
C ILE B 356 7.79 29.53 3.83
N ASN B 357 7.51 30.62 4.52
CA ASN B 357 7.92 30.78 5.91
C ASN B 357 6.89 30.08 6.79
N ILE B 358 7.22 28.88 7.28
CA ILE B 358 6.31 28.09 8.08
C ILE B 358 6.79 27.97 9.51
N LYS B 359 7.86 28.67 9.88
CA LYS B 359 8.38 28.62 11.25
C LYS B 359 7.27 28.95 12.24
N GLY B 360 6.90 27.98 13.06
CA GLY B 360 5.81 28.16 14.00
C GLY B 360 4.42 27.98 13.42
N LYS B 361 4.30 27.49 12.20
CA LYS B 361 3.00 27.33 11.54
C LYS B 361 2.57 25.87 11.51
N VAL B 362 1.27 25.66 11.47
CA VAL B 362 0.67 24.33 11.32
C VAL B 362 0.38 24.12 9.83
N VAL B 363 0.97 23.07 9.25
CA VAL B 363 0.89 22.79 7.82
C VAL B 363 0.38 21.38 7.62
N VAL B 364 -0.66 21.23 6.81
CA VAL B 364 -1.13 19.93 6.34
C VAL B 364 -0.72 19.77 4.88
N VAL B 365 -0.05 18.66 4.58
CA VAL B 365 0.34 18.31 3.21
C VAL B 365 -0.44 17.08 2.81
N ASN B 366 -1.07 17.13 1.64
CA ASN B 366 -1.79 15.99 1.10
C ASN B 366 -0.78 15.05 0.46
N LEU B 367 -0.52 13.92 1.11
CA LEU B 367 0.33 12.87 0.54
C LEU B 367 -0.54 12.00 -0.35
N SER B 368 -0.61 12.35 -1.64
CA SER B 368 -1.63 11.77 -2.51
C SER B 368 -1.36 10.32 -2.89
N GLY B 369 -0.11 9.85 -2.81
CA GLY B 369 0.14 8.43 -3.08
C GLY B 369 1.53 8.04 -2.64
N ARG B 370 1.79 6.73 -2.69
CA ARG B 370 3.12 6.23 -2.39
CA ARG B 370 3.11 6.20 -2.40
C ARG B 370 3.95 6.14 -3.67
N GLY B 371 5.27 6.10 -3.50
CA GLY B 371 6.15 6.25 -4.64
C GLY B 371 6.96 5.04 -5.03
N ASP B 372 6.48 3.85 -4.68
CA ASP B 372 7.16 2.63 -5.10
C ASP B 372 7.21 2.52 -6.63
N LYS B 373 6.20 3.06 -7.31
CA LYS B 373 6.19 3.07 -8.77
C LYS B 373 7.30 3.92 -9.37
N ASP B 374 7.86 4.87 -8.60
CA ASP B 374 8.82 5.82 -9.15
C ASP B 374 10.26 5.48 -8.81
N LEU B 375 10.52 4.37 -8.13
CA LEU B 375 11.87 4.09 -7.62
C LEU B 375 12.89 3.97 -8.76
N GLU B 376 12.57 3.16 -9.78
CA GLU B 376 13.51 3.00 -10.88
C GLU B 376 13.75 4.31 -11.61
N SER B 377 12.70 5.10 -11.80
CA SER B 377 12.85 6.38 -12.51
C SER B 377 13.68 7.37 -11.70
N VAL B 378 13.47 7.41 -10.38
CA VAL B 378 14.19 8.36 -9.54
C VAL B 378 15.68 8.01 -9.46
N LEU B 379 15.99 6.73 -9.30
CA LEU B 379 17.39 6.33 -9.17
C LEU B 379 18.17 6.61 -10.45
N ASN B 380 17.60 6.24 -11.60
CA ASN B 380 18.27 6.41 -12.88
C ASN B 380 18.29 7.86 -13.37
N HIS B 381 17.69 8.78 -12.63
CA HIS B 381 17.68 10.17 -13.06
C HIS B 381 19.08 10.77 -12.93
N PRO B 382 19.51 11.57 -13.91
CA PRO B 382 20.87 12.14 -13.84
C PRO B 382 21.12 13.01 -12.63
N TYR B 383 20.12 13.76 -12.17
CA TYR B 383 20.32 14.63 -11.02
C TYR B 383 20.52 13.82 -9.75
N VAL B 384 19.85 12.68 -9.63
CA VAL B 384 20.02 11.83 -8.47
C VAL B 384 21.36 11.08 -8.54
N ARG B 385 21.69 10.57 -9.71
CA ARG B 385 22.94 9.83 -9.91
C ARG B 385 24.16 10.72 -9.68
#